data_6T6R
#
_entry.id   6T6R
#
_cell.length_a   113.220
_cell.length_b   140.260
_cell.length_c   57.920
_cell.angle_alpha   90.000
_cell.angle_beta   90.000
_cell.angle_gamma   90.000
#
_symmetry.space_group_name_H-M   'P 21 21 2'
#
loop_
_entity.id
_entity.type
_entity.pdbx_description
1 polymer 'Endoplasmic reticulum aminopeptidase 1'
2 non-polymer 'ZINC ION'
3 non-polymer D-MALATE
4 non-polymer 1,2-ETHANEDIOL
5 non-polymer '(4~{a}~{R},5~{S},6~{R},8~{S},8~{a}~{R})-5-[2-(furan-3-yl)ethyl]-5,6,8~{a}-trimethyl-8-oxidanyl-3,4,4~{a},6,7,8-hexahydronaphthalene-1-carboxylic acid'
6 water water
#
_entity_poly.entity_id   1
_entity_poly.type   'polypeptide(L)'
_entity_poly.pdbx_seq_one_letter_code
;MVFLPLKWSLATMSFLLSSLLALLTVSTPSWCQSTEASPKRSDGTPFPWNKIRLPEYVIPVHYDLLIHAQLTTLTFWGTT
KVEITASQPTSTIILHSHHLQISRATLRKGAGERLSEEPLQVLEHPRQEQIALLAPEPLLVGLPYTVVIHYAGQLSETFH
GFYKSTYRTKEGELRILASTQFEPTAARMAFPCFDEPAFKASFSIKIRREPRHLAISNMPLVKSVTVAEGLIEDHFDVTV
KMSTYLVAFIISDFESVSKITKSGVKVSVYAVPDKINQADYALDAAVTLLEFYEDYFSIPYPLPKQDLAAIPDFQSGAME
NWGLTTYRESALLFDAEKSSASSKLGITMTVAHELAHQWFGNLVTMEWWNDLWLNEGFAKFMEFVSVSVTHPELKVGDYF
FGKCFDAMEVDALQSSHPVSTPVENPAQIREMFDDVSYDKGACILNMLREYLSADAFKSGIVQYLQKHSYKNTKNEDLWD
SMASIGSGGVDVKTMMNTWTLQKGFPLITITVRGRNVHMKQEHYMKGSDGAPDTGYLWHVPLTFITSKSDMVHRFLLKTK
TDVLILPEEVEWIKFNVGMNGYYIVHYEDDGWDSLTGLLKGTHTAVSSNDRASLINNAFQLVSIGKLSIEKALDLSLYLK
HETEIMPVFQGLNELIPMYKLMEKRDMNEVETQFKAFLIRLLRDLIDKQTWTDEGSVSERMLRSQLLLLACVHNYQPCVQ
RAEGYFRKWKESNGQLSLPVDVTLAVFAVGAQSTEGWDFLYSKYQFSLSSTEKSQIEFALCRTQNKEKLQWLLDESFKGD
KIKTQEFPQILTLIGRNPVGYPLAWQFLRKNWNKLVQKFELGSSSIAHMVMGTTNQFSTRTRLEEVKGFFSSLKENGSQL
RCVQQTIETIEENIGWMDKNFDKIRVWLQSEKLERMENLYFQ
;
_entity_poly.pdbx_strand_id   A
#
# COMPACT_ATOMS: atom_id res chain seq x y z
N THR A 45 -24.74 12.51 -33.99
CA THR A 45 -24.45 11.10 -34.26
C THR A 45 -24.30 10.31 -32.92
N PRO A 46 -25.29 9.43 -32.59
CA PRO A 46 -25.22 8.69 -31.31
C PRO A 46 -24.05 7.70 -31.22
N PHE A 47 -23.48 7.57 -30.00
CA PHE A 47 -22.35 6.65 -29.76
C PHE A 47 -22.87 5.19 -29.80
N PRO A 48 -22.25 4.31 -30.63
CA PRO A 48 -22.81 2.96 -30.80
C PRO A 48 -22.49 1.92 -29.72
N TRP A 49 -22.23 2.36 -28.48
CA TRP A 49 -21.95 1.47 -27.34
C TRP A 49 -22.40 2.14 -26.05
N ASN A 50 -23.24 1.47 -25.26
CA ASN A 50 -23.81 2.03 -24.04
C ASN A 50 -23.31 1.41 -22.72
N LYS A 51 -22.22 0.62 -22.76
CA LYS A 51 -21.69 0.00 -21.53
C LYS A 51 -20.31 0.52 -21.17
N ILE A 52 -19.97 0.48 -19.88
CA ILE A 52 -18.64 0.88 -19.39
C ILE A 52 -17.64 -0.19 -19.85
N ARG A 53 -18.02 -1.49 -19.68
CA ARG A 53 -17.20 -2.60 -20.14
C ARG A 53 -17.22 -2.66 -21.66
N LEU A 54 -16.10 -3.07 -22.25
CA LEU A 54 -15.98 -3.17 -23.70
C LEU A 54 -16.73 -4.37 -24.25
N PRO A 55 -17.11 -4.35 -25.56
CA PRO A 55 -17.65 -5.57 -26.18
C PRO A 55 -16.61 -6.68 -26.01
N GLU A 56 -17.03 -7.94 -25.93
CA GLU A 56 -16.01 -8.97 -25.75
C GLU A 56 -15.77 -9.79 -27.03
N TYR A 57 -16.33 -9.35 -28.19
CA TYR A 57 -16.20 -10.07 -29.45
C TYR A 57 -15.07 -9.56 -30.38
N VAL A 58 -14.41 -8.46 -30.02
CA VAL A 58 -13.25 -7.94 -30.79
C VAL A 58 -12.06 -8.12 -29.85
N ILE A 59 -11.12 -8.97 -30.24
CA ILE A 59 -9.99 -9.35 -29.39
C ILE A 59 -8.63 -8.91 -29.96
N PRO A 60 -7.80 -8.19 -29.18
CA PRO A 60 -6.45 -7.86 -29.66
C PRO A 60 -5.52 -9.05 -29.46
N VAL A 61 -4.47 -9.11 -30.29
CA VAL A 61 -3.46 -10.17 -30.16
C VAL A 61 -2.06 -9.55 -29.99
N HIS A 62 -1.83 -8.39 -30.63
CA HIS A 62 -0.52 -7.74 -30.64
C HIS A 62 -0.64 -6.24 -30.88
N TYR A 63 0.18 -5.45 -30.16
CA TYR A 63 0.23 -4.01 -30.34
C TYR A 63 1.64 -3.62 -30.77
N ASP A 64 1.72 -2.65 -31.70
CA ASP A 64 2.98 -2.05 -32.09
C ASP A 64 2.80 -0.59 -31.64
N LEU A 65 3.54 -0.16 -30.60
CA LEU A 65 3.42 1.18 -30.06
C LEU A 65 4.63 2.01 -30.41
N LEU A 66 4.43 3.07 -31.20
CA LEU A 66 5.50 4.02 -31.51
C LEU A 66 5.17 5.31 -30.77
N ILE A 67 6.11 5.79 -29.94
CA ILE A 67 5.92 6.99 -29.11
C ILE A 67 7.08 7.96 -29.30
N HIS A 68 6.75 9.27 -29.48
CA HIS A 68 7.76 10.34 -29.50
C HIS A 68 7.28 11.41 -28.51
N ALA A 69 8.03 11.62 -27.40
CA ALA A 69 7.70 12.65 -26.43
C ALA A 69 8.63 13.85 -26.66
N GLN A 70 8.07 15.05 -26.71
CA GLN A 70 8.88 16.25 -26.85
C GLN A 70 8.96 16.84 -25.45
N LEU A 71 10.10 16.64 -24.78
CA LEU A 71 10.30 17.07 -23.39
C LEU A 71 10.30 18.59 -23.23
N THR A 72 10.69 19.34 -24.29
CA THR A 72 10.72 20.81 -24.29
C THR A 72 9.31 21.45 -24.30
N THR A 73 8.33 20.83 -25.00
CA THR A 73 6.95 21.34 -25.11
C THR A 73 5.92 20.52 -24.30
N LEU A 74 6.36 19.39 -23.73
CA LEU A 74 5.48 18.49 -22.95
C LEU A 74 4.36 17.88 -23.82
N THR A 75 4.58 17.79 -25.14
CA THR A 75 3.64 17.19 -26.10
C THR A 75 4.22 15.82 -26.49
N PHE A 76 3.36 14.82 -26.72
CA PHE A 76 3.80 13.53 -27.24
C PHE A 76 2.94 13.11 -28.41
N TRP A 77 3.53 12.35 -29.33
CA TRP A 77 2.82 11.82 -30.50
C TRP A 77 2.99 10.32 -30.51
N GLY A 78 2.01 9.63 -31.03
CA GLY A 78 2.08 8.19 -31.13
C GLY A 78 1.39 7.64 -32.36
N THR A 79 1.80 6.42 -32.73
CA THR A 79 1.17 5.61 -33.75
C THR A 79 0.96 4.24 -33.09
N THR A 80 -0.31 3.83 -32.94
CA THR A 80 -0.69 2.55 -32.36
C THR A 80 -1.20 1.63 -33.47
N LYS A 81 -0.63 0.43 -33.60
CA LYS A 81 -1.09 -0.56 -34.58
C LYS A 81 -1.48 -1.79 -33.79
N VAL A 82 -2.80 -2.09 -33.75
CA VAL A 82 -3.26 -3.22 -32.96
C VAL A 82 -3.89 -4.26 -33.87
N GLU A 83 -3.30 -5.47 -33.84
CA GLU A 83 -3.75 -6.63 -34.59
C GLU A 83 -4.93 -7.21 -33.83
N ILE A 84 -6.10 -7.31 -34.51
CA ILE A 84 -7.35 -7.78 -33.91
C ILE A 84 -8.04 -8.88 -34.72
N THR A 85 -8.95 -9.60 -34.07
CA THR A 85 -9.84 -10.59 -34.68
C THR A 85 -11.22 -10.37 -34.08
N ALA A 86 -12.26 -10.48 -34.91
CA ALA A 86 -13.65 -10.33 -34.50
C ALA A 86 -14.32 -11.71 -34.55
N SER A 87 -15.06 -12.08 -33.48
CA SER A 87 -15.75 -13.37 -33.39
C SER A 87 -17.20 -13.31 -33.91
N GLN A 88 -17.69 -12.09 -34.18
CA GLN A 88 -19.00 -11.86 -34.76
C GLN A 88 -18.92 -10.68 -35.75
N PRO A 89 -19.75 -10.61 -36.81
CA PRO A 89 -19.61 -9.48 -37.75
C PRO A 89 -19.91 -8.14 -37.10
N THR A 90 -19.06 -7.16 -37.38
CA THR A 90 -19.17 -5.78 -36.90
C THR A 90 -18.44 -4.85 -37.85
N SER A 91 -18.97 -3.63 -37.98
CA SER A 91 -18.37 -2.55 -38.77
C SER A 91 -17.88 -1.53 -37.76
N THR A 92 -17.98 -1.87 -36.44
CA THR A 92 -17.65 -0.99 -35.33
C THR A 92 -16.64 -1.61 -34.37
N ILE A 93 -15.58 -0.86 -34.06
CA ILE A 93 -14.56 -1.27 -33.09
C ILE A 93 -14.60 -0.29 -31.92
N ILE A 94 -14.92 -0.78 -30.72
CA ILE A 94 -14.94 0.06 -29.51
C ILE A 94 -13.68 -0.22 -28.74
N LEU A 95 -12.98 0.83 -28.37
CA LEU A 95 -11.78 0.70 -27.54
C LEU A 95 -11.64 1.91 -26.60
N HIS A 96 -10.64 1.91 -25.71
CA HIS A 96 -10.43 2.98 -24.75
C HIS A 96 -9.46 4.03 -25.27
N SER A 97 -9.75 5.29 -24.92
CA SER A 97 -8.91 6.45 -25.25
C SER A 97 -9.37 7.57 -24.32
N HIS A 98 -8.42 8.25 -23.67
CA HIS A 98 -8.71 9.32 -22.73
C HIS A 98 -7.69 10.45 -22.90
N HIS A 99 -8.17 11.66 -23.26
CA HIS A 99 -7.32 12.85 -23.45
C HIS A 99 -6.33 12.69 -24.62
N LEU A 100 -6.67 11.88 -25.62
CA LEU A 100 -5.85 11.72 -26.81
C LEU A 100 -6.53 12.35 -28.01
N GLN A 101 -5.77 13.14 -28.77
CA GLN A 101 -6.26 13.83 -29.96
C GLN A 101 -5.97 12.94 -31.15
N ILE A 102 -7.00 12.26 -31.67
CA ILE A 102 -6.84 11.34 -32.81
C ILE A 102 -6.86 12.11 -34.13
N SER A 103 -5.76 12.04 -34.90
CA SER A 103 -5.65 12.75 -36.19
C SER A 103 -6.07 11.86 -37.36
N ARG A 104 -5.82 10.56 -37.25
CA ARG A 104 -6.16 9.62 -38.32
C ARG A 104 -6.30 8.21 -37.78
N ALA A 105 -7.28 7.46 -38.30
CA ALA A 105 -7.49 6.06 -37.96
C ALA A 105 -7.79 5.27 -39.24
N THR A 106 -7.09 4.13 -39.44
CA THR A 106 -7.29 3.28 -40.62
C THR A 106 -7.37 1.81 -40.22
N LEU A 107 -8.03 1.02 -41.07
CA LEU A 107 -8.19 -0.41 -40.86
C LEU A 107 -7.45 -1.15 -41.98
N ARG A 108 -6.45 -1.95 -41.59
CA ARG A 108 -5.65 -2.74 -42.50
C ARG A 108 -6.04 -4.20 -42.49
N LYS A 109 -5.97 -4.83 -43.65
CA LYS A 109 -6.20 -6.25 -43.89
C LYS A 109 -5.09 -6.67 -44.87
N GLY A 110 -4.39 -7.75 -44.53
CA GLY A 110 -3.29 -8.31 -45.33
C GLY A 110 -1.98 -7.56 -45.19
N ALA A 111 -0.97 -7.95 -45.99
CA ALA A 111 0.36 -7.32 -45.98
C ALA A 111 1.01 -7.28 -47.37
N GLY A 112 1.87 -6.28 -47.57
CA GLY A 112 2.63 -6.07 -48.80
C GLY A 112 1.75 -5.81 -50.01
N GLU A 113 1.80 -6.74 -51.00
CA GLU A 113 1.04 -6.71 -52.25
C GLU A 113 -0.47 -6.85 -52.01
N ARG A 114 -0.86 -7.82 -51.14
CA ARG A 114 -2.25 -8.12 -50.81
C ARG A 114 -2.79 -7.27 -49.64
N LEU A 115 -2.28 -6.03 -49.48
CA LEU A 115 -2.67 -5.12 -48.41
C LEU A 115 -3.83 -4.21 -48.79
N SER A 116 -4.76 -4.04 -47.88
CA SER A 116 -5.87 -3.13 -48.05
C SER A 116 -5.95 -2.26 -46.83
N GLU A 117 -6.17 -0.98 -47.05
CA GLU A 117 -6.40 0.00 -46.01
C GLU A 117 -7.78 0.55 -46.29
N GLU A 118 -8.47 0.99 -45.23
CA GLU A 118 -9.80 1.58 -45.31
C GLU A 118 -9.84 2.67 -44.24
N PRO A 119 -10.42 3.86 -44.55
CA PRO A 119 -10.50 4.90 -43.53
C PRO A 119 -11.51 4.50 -42.45
N LEU A 120 -11.21 4.87 -41.21
CA LEU A 120 -12.08 4.65 -40.07
C LEU A 120 -12.53 6.01 -39.58
N GLN A 121 -13.86 6.20 -39.43
CA GLN A 121 -14.42 7.44 -38.89
C GLN A 121 -14.37 7.28 -37.38
N VAL A 122 -14.09 8.38 -36.67
CA VAL A 122 -13.92 8.32 -35.23
C VAL A 122 -15.00 9.07 -34.49
N LEU A 123 -15.59 8.41 -33.50
CA LEU A 123 -16.58 8.97 -32.59
C LEU A 123 -16.02 8.83 -31.18
N GLU A 124 -16.34 9.78 -30.31
CA GLU A 124 -15.84 9.78 -28.94
C GLU A 124 -16.95 9.82 -27.93
N HIS A 125 -16.78 9.09 -26.82
CA HIS A 125 -17.67 9.11 -25.67
C HIS A 125 -16.74 9.37 -24.47
N PRO A 126 -16.34 10.65 -24.24
CA PRO A 126 -15.38 10.96 -23.17
C PRO A 126 -15.73 10.45 -21.77
N ARG A 127 -17.01 10.46 -21.39
CA ARG A 127 -17.44 10.00 -20.07
C ARG A 127 -17.14 8.51 -19.85
N GLN A 128 -17.36 7.67 -20.89
CA GLN A 128 -17.06 6.23 -20.84
C GLN A 128 -15.58 5.97 -21.19
N GLU A 129 -14.84 7.05 -21.57
CA GLU A 129 -13.41 6.98 -21.95
C GLU A 129 -13.23 6.02 -23.12
N GLN A 130 -14.18 6.08 -24.05
CA GLN A 130 -14.17 5.22 -25.22
C GLN A 130 -14.18 5.99 -26.51
N ILE A 131 -13.73 5.31 -27.56
CA ILE A 131 -13.77 5.75 -28.95
C ILE A 131 -14.44 4.64 -29.74
N ALA A 132 -15.12 5.01 -30.81
CA ALA A 132 -15.76 4.05 -31.70
C ALA A 132 -15.13 4.29 -33.09
N LEU A 133 -14.62 3.23 -33.72
CA LEU A 133 -14.01 3.30 -35.04
C LEU A 133 -14.97 2.64 -36.02
N LEU A 134 -15.40 3.42 -37.01
CA LEU A 134 -16.41 3.01 -37.97
C LEU A 134 -15.80 2.67 -39.33
N ALA A 135 -15.90 1.38 -39.72
CA ALA A 135 -15.39 0.85 -40.99
C ALA A 135 -16.44 0.99 -42.08
N PRO A 136 -16.02 1.17 -43.35
CA PRO A 136 -17.02 1.29 -44.45
C PRO A 136 -17.74 -0.02 -44.75
N GLU A 137 -17.24 -1.15 -44.22
CA GLU A 137 -17.83 -2.47 -44.41
C GLU A 137 -17.58 -3.38 -43.19
N PRO A 138 -18.37 -4.46 -42.99
CA PRO A 138 -18.12 -5.32 -41.82
C PRO A 138 -16.81 -6.09 -41.92
N LEU A 139 -16.22 -6.38 -40.76
CA LEU A 139 -15.01 -7.18 -40.61
C LEU A 139 -15.40 -8.64 -40.80
N LEU A 140 -14.57 -9.40 -41.52
CA LEU A 140 -14.83 -10.83 -41.73
C LEU A 140 -14.41 -11.57 -40.47
N VAL A 141 -15.31 -12.46 -39.97
CA VAL A 141 -15.11 -13.23 -38.74
C VAL A 141 -13.85 -14.12 -38.79
N GLY A 142 -13.06 -14.07 -37.73
CA GLY A 142 -11.87 -14.89 -37.55
C GLY A 142 -10.65 -14.51 -38.36
N LEU A 143 -10.76 -13.43 -39.18
CA LEU A 143 -9.62 -12.97 -39.98
C LEU A 143 -8.85 -11.85 -39.28
N PRO A 144 -7.49 -11.87 -39.30
CA PRO A 144 -6.73 -10.79 -38.66
C PRO A 144 -6.78 -9.47 -39.43
N TYR A 145 -7.02 -8.37 -38.70
CA TYR A 145 -7.03 -6.98 -39.19
C TYR A 145 -6.07 -6.20 -38.31
N THR A 146 -5.53 -5.07 -38.81
CA THR A 146 -4.69 -4.17 -38.01
C THR A 146 -5.31 -2.78 -37.98
N VAL A 147 -5.66 -2.31 -36.77
CA VAL A 147 -6.20 -0.97 -36.58
C VAL A 147 -4.99 -0.04 -36.41
N VAL A 148 -4.88 1.01 -37.24
CA VAL A 148 -3.75 1.95 -37.20
C VAL A 148 -4.28 3.28 -36.72
N ILE A 149 -3.78 3.79 -35.58
CA ILE A 149 -4.24 5.07 -35.04
C ILE A 149 -3.05 6.01 -34.81
N HIS A 150 -3.13 7.22 -35.39
CA HIS A 150 -2.16 8.28 -35.25
C HIS A 150 -2.82 9.27 -34.31
N TYR A 151 -2.11 9.70 -33.27
CA TYR A 151 -2.64 10.60 -32.26
C TYR A 151 -1.54 11.43 -31.57
N ALA A 152 -1.99 12.43 -30.80
CA ALA A 152 -1.11 13.25 -29.98
C ALA A 152 -1.77 13.51 -28.64
N GLY A 153 -0.97 13.88 -27.65
CA GLY A 153 -1.42 14.21 -26.31
C GLY A 153 -0.44 15.12 -25.62
N GLN A 154 -0.79 15.58 -24.43
CA GLN A 154 0.10 16.37 -23.61
C GLN A 154 0.54 15.46 -22.47
N LEU A 155 1.83 15.49 -22.11
CA LEU A 155 2.35 14.70 -20.99
C LEU A 155 1.50 15.08 -19.77
N SER A 156 1.06 14.09 -19.02
CA SER A 156 0.25 14.35 -17.84
C SER A 156 1.02 15.15 -16.80
N GLU A 157 0.31 16.05 -16.12
CA GLU A 157 0.83 16.81 -14.99
C GLU A 157 0.43 16.14 -13.66
N THR A 158 -0.15 14.91 -13.73
CA THR A 158 -0.52 14.09 -12.57
C THR A 158 0.59 13.05 -12.33
N PHE A 159 0.32 12.00 -11.54
CA PHE A 159 1.28 10.91 -11.33
C PHE A 159 0.82 9.66 -12.12
N HIS A 160 -0.12 9.84 -13.08
CA HIS A 160 -0.59 8.70 -13.88
C HIS A 160 -0.57 9.00 -15.38
N GLY A 161 -0.77 7.95 -16.17
CA GLY A 161 -0.64 8.04 -17.63
C GLY A 161 0.83 8.18 -17.97
N PHE A 162 1.14 8.88 -19.06
CA PHE A 162 2.52 9.16 -19.50
C PHE A 162 2.74 10.56 -18.94
N TYR A 163 3.52 10.65 -17.83
CA TYR A 163 3.62 11.90 -17.10
C TYR A 163 4.99 12.49 -16.94
N LYS A 164 4.99 13.79 -16.63
CA LYS A 164 6.20 14.58 -16.43
C LYS A 164 6.74 14.39 -15.00
N SER A 165 8.05 14.16 -14.89
CA SER A 165 8.73 14.08 -13.61
C SER A 165 9.95 15.02 -13.69
N THR A 166 10.30 15.69 -12.58
CA THR A 166 11.44 16.62 -12.61
C THR A 166 12.30 16.45 -11.37
N TYR A 167 13.55 16.92 -11.45
CA TYR A 167 14.49 16.95 -10.34
C TYR A 167 15.50 18.04 -10.61
N ARG A 168 16.28 18.39 -9.61
CA ARG A 168 17.34 19.39 -9.74
C ARG A 168 18.67 18.72 -9.47
N THR A 169 19.67 19.04 -10.30
CA THR A 169 21.04 18.53 -10.13
C THR A 169 21.60 19.22 -8.87
N LYS A 170 22.71 18.69 -8.30
CA LYS A 170 23.33 19.31 -7.11
C LYS A 170 23.82 20.75 -7.39
N GLU A 171 23.91 21.13 -8.68
CA GLU A 171 24.28 22.45 -9.19
C GLU A 171 23.05 23.37 -9.35
N GLY A 172 21.85 22.83 -9.13
CA GLY A 172 20.59 23.58 -9.20
C GLY A 172 19.89 23.63 -10.55
N GLU A 173 20.33 22.80 -11.52
CA GLU A 173 19.72 22.77 -12.85
C GLU A 173 18.47 21.89 -12.81
N LEU A 174 17.35 22.38 -13.38
CA LEU A 174 16.11 21.60 -13.44
C LEU A 174 16.25 20.58 -14.58
N ARG A 175 15.87 19.33 -14.33
CA ARG A 175 15.91 18.27 -15.35
C ARG A 175 14.51 17.70 -15.47
N ILE A 176 14.07 17.41 -16.70
CA ILE A 176 12.72 16.91 -16.98
C ILE A 176 12.84 15.51 -17.59
N LEU A 177 12.03 14.56 -17.10
CA LEU A 177 11.97 13.19 -17.63
C LEU A 177 10.50 12.84 -17.83
N ALA A 178 10.21 11.76 -18.57
CA ALA A 178 8.84 11.30 -18.79
C ALA A 178 8.77 9.83 -18.41
N SER A 179 7.78 9.48 -17.59
CA SER A 179 7.63 8.11 -17.11
C SER A 179 6.17 7.69 -17.21
N THR A 180 5.89 6.41 -16.97
CA THR A 180 4.51 5.94 -17.07
C THR A 180 4.03 5.34 -15.74
N GLN A 181 2.71 5.36 -15.54
CA GLN A 181 2.00 4.68 -14.44
C GLN A 181 0.60 4.45 -14.97
N PHE A 182 0.30 3.20 -15.32
CA PHE A 182 -0.96 2.85 -15.95
C PHE A 182 -1.94 2.11 -15.05
N GLU A 183 -1.47 1.36 -14.05
CA GLU A 183 -2.44 0.63 -13.23
C GLU A 183 -3.31 1.55 -12.36
N PRO A 184 -4.64 1.38 -12.38
CA PRO A 184 -5.42 0.38 -13.12
C PRO A 184 -5.85 0.76 -14.56
N THR A 185 -6.36 2.00 -14.80
CA THR A 185 -7.00 2.35 -16.08
C THR A 185 -6.39 3.51 -16.84
N ALA A 186 -5.07 3.76 -16.68
CA ALA A 186 -4.45 4.90 -17.35
C ALA A 186 -3.62 4.54 -18.62
N ALA A 187 -3.50 3.25 -19.03
CA ALA A 187 -2.81 2.96 -20.31
C ALA A 187 -3.48 3.73 -21.49
N ARG A 188 -4.81 3.88 -21.42
CA ARG A 188 -5.68 4.55 -22.39
C ARG A 188 -5.38 6.06 -22.55
N MET A 189 -4.58 6.63 -21.62
CA MET A 189 -4.11 8.03 -21.63
C MET A 189 -2.78 8.16 -22.38
N ALA A 190 -2.14 7.04 -22.71
CA ALA A 190 -0.86 7.07 -23.43
C ALA A 190 -1.01 6.49 -24.83
N PHE A 191 -1.91 5.50 -24.99
CA PHE A 191 -2.16 4.87 -26.28
C PHE A 191 -3.57 4.28 -26.32
N PRO A 192 -4.30 4.40 -27.45
CA PRO A 192 -5.65 3.81 -27.52
C PRO A 192 -5.52 2.29 -27.45
N CYS A 193 -6.34 1.64 -26.62
CA CYS A 193 -6.21 0.17 -26.46
C CYS A 193 -7.50 -0.44 -25.90
N PHE A 194 -7.53 -1.78 -25.79
CA PHE A 194 -8.62 -2.54 -25.15
C PHE A 194 -8.12 -2.64 -23.69
N ASP A 195 -8.40 -1.57 -22.94
CA ASP A 195 -7.80 -1.33 -21.64
C ASP A 195 -8.56 -1.99 -20.47
N GLU A 196 -8.62 -3.32 -20.51
CA GLU A 196 -9.18 -4.17 -19.45
C GLU A 196 -8.18 -5.31 -19.30
N PRO A 197 -7.94 -5.79 -18.05
CA PRO A 197 -6.83 -6.73 -17.82
C PRO A 197 -6.94 -8.12 -18.45
N ALA A 198 -8.15 -8.52 -18.89
CA ALA A 198 -8.35 -9.83 -19.54
C ALA A 198 -8.06 -9.78 -21.05
N PHE A 199 -7.86 -8.57 -21.62
CA PHE A 199 -7.54 -8.47 -23.05
C PHE A 199 -6.02 -8.53 -23.19
N LYS A 200 -5.43 -9.68 -22.89
CA LYS A 200 -3.97 -9.83 -22.97
C LYS A 200 -3.46 -9.85 -24.40
N ALA A 201 -2.24 -9.34 -24.60
CA ALA A 201 -1.63 -9.24 -25.94
C ALA A 201 -0.12 -9.05 -25.80
N SER A 202 0.62 -9.22 -26.91
CA SER A 202 2.06 -8.93 -26.90
C SER A 202 2.23 -7.45 -27.32
N PHE A 203 3.33 -6.81 -26.91
CA PHE A 203 3.60 -5.42 -27.20
C PHE A 203 5.01 -5.22 -27.71
N SER A 204 5.13 -4.58 -28.88
CA SER A 204 6.42 -4.20 -29.47
C SER A 204 6.47 -2.68 -29.37
N ILE A 205 7.32 -2.18 -28.46
CA ILE A 205 7.43 -0.75 -28.20
C ILE A 205 8.61 -0.14 -28.92
N LYS A 206 8.40 1.05 -29.48
CA LYS A 206 9.40 1.81 -30.19
C LYS A 206 9.34 3.22 -29.65
N ILE A 207 10.49 3.76 -29.25
CA ILE A 207 10.53 5.11 -28.70
C ILE A 207 11.46 5.98 -29.54
N ARG A 208 10.95 7.13 -30.01
CA ARG A 208 11.76 8.12 -30.73
C ARG A 208 12.19 9.18 -29.72
N ARG A 209 13.50 9.40 -29.60
CA ARG A 209 14.03 10.31 -28.60
C ARG A 209 15.31 11.01 -29.06
N GLU A 210 15.71 12.06 -28.32
CA GLU A 210 16.95 12.78 -28.60
C GLU A 210 18.17 11.92 -28.28
N PRO A 211 19.29 12.08 -29.03
CA PRO A 211 20.51 11.30 -28.71
C PRO A 211 21.01 11.44 -27.27
N ARG A 212 20.81 12.63 -26.64
CA ARG A 212 21.24 12.91 -25.26
C ARG A 212 20.43 12.17 -24.17
N HIS A 213 19.24 11.63 -24.54
CA HIS A 213 18.37 10.92 -23.60
C HIS A 213 18.42 9.41 -23.77
N LEU A 214 18.08 8.71 -22.69
CA LEU A 214 18.02 7.26 -22.65
C LEU A 214 16.53 6.88 -22.57
N ALA A 215 16.14 5.82 -23.29
CA ALA A 215 14.80 5.24 -23.19
C ALA A 215 14.93 3.80 -22.71
N ILE A 216 14.07 3.41 -21.75
CA ILE A 216 13.96 2.05 -21.26
C ILE A 216 12.50 1.65 -21.28
N SER A 217 12.24 0.35 -21.39
CA SER A 217 10.86 -0.13 -21.47
C SER A 217 10.81 -1.53 -20.84
N ASN A 218 9.70 -2.27 -21.00
CA ASN A 218 9.56 -3.61 -20.42
C ASN A 218 10.67 -4.58 -20.85
N MET A 219 11.00 -4.58 -22.13
CA MET A 219 11.93 -5.54 -22.73
C MET A 219 13.29 -4.96 -23.07
N PRO A 220 14.32 -5.82 -23.34
CA PRO A 220 15.62 -5.28 -23.75
C PRO A 220 15.55 -4.48 -25.04
N LEU A 221 16.50 -3.56 -25.19
CA LEU A 221 16.68 -2.75 -26.38
C LEU A 221 17.32 -3.65 -27.42
N VAL A 222 16.67 -3.83 -28.57
CA VAL A 222 17.21 -4.70 -29.61
C VAL A 222 18.02 -3.91 -30.64
N LYS A 223 17.61 -2.65 -30.92
CA LYS A 223 18.27 -1.81 -31.92
C LYS A 223 17.85 -0.36 -31.76
N SER A 224 18.78 0.55 -32.08
CA SER A 224 18.57 1.99 -32.11
C SER A 224 18.90 2.44 -33.53
N VAL A 225 17.94 3.10 -34.18
CA VAL A 225 18.06 3.54 -35.58
C VAL A 225 17.98 5.06 -35.65
N THR A 226 18.89 5.69 -36.40
CA THR A 226 18.88 7.13 -36.64
C THR A 226 17.69 7.43 -37.57
N VAL A 227 16.79 8.32 -37.15
CA VAL A 227 15.63 8.74 -37.94
C VAL A 227 15.75 10.25 -38.25
N ALA A 228 14.73 10.84 -38.89
CA ALA A 228 14.78 12.26 -39.25
C ALA A 228 14.60 13.17 -38.03
N GLU A 229 14.84 14.50 -38.22
CA GLU A 229 14.70 15.55 -37.19
C GLU A 229 15.74 15.38 -36.04
N GLY A 230 16.87 14.74 -36.34
CA GLY A 230 17.94 14.49 -35.37
C GLY A 230 17.54 13.59 -34.22
N LEU A 231 16.62 12.64 -34.46
CA LEU A 231 16.12 11.71 -33.44
C LEU A 231 16.64 10.29 -33.62
N ILE A 232 16.60 9.50 -32.54
CA ILE A 232 16.98 8.09 -32.54
C ILE A 232 15.73 7.31 -32.18
N GLU A 233 15.44 6.23 -32.92
CA GLU A 233 14.30 5.38 -32.63
C GLU A 233 14.78 4.07 -32.03
N ASP A 234 14.47 3.88 -30.75
CA ASP A 234 14.81 2.66 -30.01
C ASP A 234 13.74 1.61 -30.23
N HIS A 235 14.15 0.38 -30.58
CA HIS A 235 13.23 -0.73 -30.79
C HIS A 235 13.47 -1.70 -29.65
N PHE A 236 12.43 -1.94 -28.87
CA PHE A 236 12.48 -2.88 -27.76
C PHE A 236 11.88 -4.21 -28.22
N ASP A 237 12.41 -5.33 -27.69
CA ASP A 237 11.91 -6.65 -28.06
C ASP A 237 10.43 -6.82 -27.73
N VAL A 238 9.73 -7.74 -28.43
CA VAL A 238 8.32 -8.00 -28.18
C VAL A 238 8.13 -8.59 -26.77
N THR A 239 7.10 -8.13 -26.03
CA THR A 239 6.82 -8.68 -24.71
C THR A 239 6.12 -10.03 -24.86
N VAL A 240 5.98 -10.74 -23.74
CA VAL A 240 5.18 -11.95 -23.61
C VAL A 240 3.73 -11.41 -23.58
N LYS A 241 2.73 -12.28 -23.67
CA LYS A 241 1.32 -11.89 -23.57
C LYS A 241 1.10 -11.28 -22.18
N MET A 242 0.54 -10.08 -22.14
CA MET A 242 0.30 -9.38 -20.86
C MET A 242 -0.83 -8.35 -20.96
N SER A 243 -1.23 -7.82 -19.79
CA SER A 243 -2.27 -6.81 -19.67
C SER A 243 -1.69 -5.43 -20.04
N THR A 244 -2.54 -4.57 -20.62
CA THR A 244 -2.14 -3.20 -20.99
C THR A 244 -1.61 -2.43 -19.78
N TYR A 245 -2.18 -2.65 -18.55
CA TYR A 245 -1.74 -1.85 -17.40
C TYR A 245 -0.25 -2.05 -17.03
N LEU A 246 0.40 -3.09 -17.60
CA LEU A 246 1.80 -3.43 -17.31
C LEU A 246 2.82 -2.83 -18.29
N VAL A 247 2.33 -2.17 -19.33
CA VAL A 247 3.21 -1.51 -20.31
C VAL A 247 3.92 -0.36 -19.58
N ALA A 248 5.20 -0.17 -19.86
CA ALA A 248 5.97 0.93 -19.23
C ALA A 248 7.08 1.42 -20.16
N PHE A 249 7.38 2.71 -20.06
CA PHE A 249 8.47 3.33 -20.82
C PHE A 249 8.89 4.60 -20.12
N ILE A 250 10.22 4.85 -20.11
CA ILE A 250 10.80 6.01 -19.43
C ILE A 250 11.83 6.67 -20.36
N ILE A 251 11.79 8.00 -20.48
CA ILE A 251 12.77 8.79 -21.25
C ILE A 251 13.39 9.70 -20.22
N SER A 252 14.71 9.53 -19.99
CA SER A 252 15.41 10.25 -18.92
C SER A 252 16.90 10.32 -19.21
N ASP A 253 17.64 10.80 -18.20
CA ASP A 253 19.11 10.81 -18.19
C ASP A 253 19.59 9.91 -17.02
N PHE A 254 18.78 8.91 -16.64
CA PHE A 254 19.14 8.00 -15.54
C PHE A 254 20.46 7.27 -15.76
N GLU A 255 21.14 6.96 -14.66
CA GLU A 255 22.33 6.10 -14.68
C GLU A 255 21.85 4.73 -14.24
N SER A 256 22.67 3.69 -14.42
CA SER A 256 22.26 2.38 -13.96
C SER A 256 23.43 1.58 -13.39
N VAL A 257 23.12 0.56 -12.60
CA VAL A 257 24.06 -0.44 -12.08
C VAL A 257 23.40 -1.80 -12.29
N SER A 258 24.19 -2.83 -12.66
CA SER A 258 23.64 -4.15 -12.96
C SER A 258 24.36 -5.31 -12.29
N LYS A 259 23.65 -6.45 -12.20
CA LYS A 259 24.15 -7.71 -11.65
C LYS A 259 23.32 -8.83 -12.31
N ILE A 260 23.94 -9.98 -12.59
CA ILE A 260 23.28 -11.11 -13.26
C ILE A 260 22.86 -12.14 -12.24
N THR A 261 21.65 -12.73 -12.39
CA THR A 261 21.21 -13.80 -11.49
C THR A 261 21.91 -15.12 -11.88
N LYS A 262 21.78 -16.15 -11.02
CA LYS A 262 22.34 -17.47 -11.33
C LYS A 262 21.63 -18.11 -12.55
N SER A 263 20.37 -17.66 -12.85
CA SER A 263 19.58 -18.11 -14.03
C SER A 263 19.87 -17.29 -15.29
N GLY A 264 20.79 -16.33 -15.19
CA GLY A 264 21.20 -15.50 -16.32
C GLY A 264 20.37 -14.25 -16.59
N VAL A 265 19.48 -13.85 -15.65
CA VAL A 265 18.65 -12.64 -15.84
C VAL A 265 19.50 -11.40 -15.50
N LYS A 266 19.53 -10.38 -16.37
CA LYS A 266 20.26 -9.15 -16.05
C LYS A 266 19.36 -8.27 -15.20
N VAL A 267 19.73 -8.03 -13.94
CA VAL A 267 18.95 -7.16 -13.05
C VAL A 267 19.65 -5.81 -13.00
N SER A 268 18.90 -4.70 -13.20
CA SER A 268 19.48 -3.35 -13.15
C SER A 268 18.69 -2.41 -12.28
N VAL A 269 19.40 -1.51 -11.57
CA VAL A 269 18.72 -0.42 -10.85
C VAL A 269 19.06 0.87 -11.62
N TYR A 270 18.04 1.69 -11.90
CA TYR A 270 18.18 2.98 -12.58
C TYR A 270 17.79 4.07 -11.61
N ALA A 271 18.50 5.20 -11.65
CA ALA A 271 18.19 6.35 -10.79
C ALA A 271 18.89 7.56 -11.39
N VAL A 272 18.53 8.77 -10.90
CA VAL A 272 19.19 10.01 -11.33
C VAL A 272 20.71 9.89 -11.01
N PRO A 273 21.61 10.47 -11.85
CA PRO A 273 23.06 10.32 -11.58
C PRO A 273 23.50 10.62 -10.14
N ASP A 274 22.93 11.68 -9.49
CA ASP A 274 23.30 12.07 -8.12
C ASP A 274 22.94 11.03 -7.06
N LYS A 275 22.04 10.07 -7.40
CA LYS A 275 21.59 9.06 -6.45
C LYS A 275 21.90 7.62 -6.81
N ILE A 276 22.55 7.36 -7.96
CA ILE A 276 22.84 5.99 -8.37
C ILE A 276 23.77 5.25 -7.38
N ASN A 277 24.59 5.98 -6.61
CA ASN A 277 25.45 5.35 -5.60
C ASN A 277 24.62 4.76 -4.42
N GLN A 278 23.29 5.00 -4.39
CA GLN A 278 22.40 4.46 -3.34
C GLN A 278 21.62 3.21 -3.84
N ALA A 279 21.98 2.70 -5.02
CA ALA A 279 21.28 1.59 -5.66
C ALA A 279 21.74 0.18 -5.28
N ASP A 280 22.95 0.05 -4.73
CA ASP A 280 23.57 -1.26 -4.53
C ASP A 280 22.77 -2.22 -3.63
N TYR A 281 22.20 -1.71 -2.52
CA TYR A 281 21.42 -2.56 -1.64
C TYR A 281 20.23 -3.20 -2.36
N ALA A 282 19.38 -2.36 -3.03
CA ALA A 282 18.20 -2.83 -3.76
C ALA A 282 18.62 -3.79 -4.88
N LEU A 283 19.77 -3.50 -5.57
CA LEU A 283 20.23 -4.37 -6.63
C LEU A 283 20.53 -5.77 -6.07
N ASP A 284 21.27 -5.85 -4.93
CA ASP A 284 21.57 -7.13 -4.29
C ASP A 284 20.30 -7.84 -3.83
N ALA A 285 19.38 -7.09 -3.17
CA ALA A 285 18.11 -7.64 -2.70
C ALA A 285 17.26 -8.20 -3.85
N ALA A 286 17.19 -7.46 -5.00
CA ALA A 286 16.40 -7.86 -6.16
C ALA A 286 16.91 -9.18 -6.76
N VAL A 287 18.24 -9.32 -6.91
CA VAL A 287 18.88 -10.54 -7.43
C VAL A 287 18.51 -11.74 -6.53
N THR A 288 18.70 -11.58 -5.20
CA THR A 288 18.43 -12.65 -4.21
C THR A 288 16.94 -13.04 -4.21
N LEU A 289 16.04 -12.05 -4.24
CA LEU A 289 14.60 -12.28 -4.24
C LEU A 289 14.11 -12.89 -5.54
N LEU A 290 14.62 -12.43 -6.70
CA LEU A 290 14.24 -13.00 -7.99
C LEU A 290 14.62 -14.50 -8.03
N GLU A 291 15.84 -14.85 -7.57
CA GLU A 291 16.31 -16.23 -7.46
C GLU A 291 15.42 -17.03 -6.52
N PHE A 292 15.06 -16.44 -5.35
CA PHE A 292 14.16 -17.10 -4.40
C PHE A 292 12.86 -17.51 -5.07
N TYR A 293 12.16 -16.55 -5.74
CA TYR A 293 10.87 -16.78 -6.36
C TYR A 293 10.91 -17.85 -7.48
N GLU A 294 11.96 -17.82 -8.32
CA GLU A 294 12.13 -18.79 -9.40
C GLU A 294 12.25 -20.20 -8.81
N ASP A 295 13.07 -20.35 -7.76
CA ASP A 295 13.30 -21.61 -7.05
C ASP A 295 12.03 -22.08 -6.34
N TYR A 296 11.38 -21.15 -5.63
CA TYR A 296 10.18 -21.40 -4.85
C TYR A 296 8.96 -21.82 -5.69
N PHE A 297 8.64 -21.07 -6.76
CA PHE A 297 7.49 -21.37 -7.61
C PHE A 297 7.78 -22.42 -8.68
N SER A 298 9.05 -22.86 -8.81
CA SER A 298 9.55 -23.74 -9.87
C SER A 298 9.11 -23.24 -11.26
N ILE A 299 8.96 -21.90 -11.40
CA ILE A 299 8.58 -21.26 -12.66
C ILE A 299 9.58 -20.16 -12.89
N PRO A 300 10.46 -20.30 -13.90
CA PRO A 300 11.47 -19.26 -14.13
C PRO A 300 10.87 -17.91 -14.50
N TYR A 301 11.60 -16.82 -14.21
CA TYR A 301 11.24 -15.46 -14.63
C TYR A 301 11.45 -15.50 -16.17
N PRO A 302 10.44 -15.15 -16.99
CA PRO A 302 10.54 -15.41 -18.45
C PRO A 302 11.25 -14.39 -19.31
N LEU A 303 11.60 -13.23 -18.74
CA LEU A 303 12.21 -12.14 -19.51
C LEU A 303 13.72 -12.12 -19.36
N PRO A 304 14.47 -11.56 -20.35
CA PRO A 304 15.94 -11.56 -20.23
C PRO A 304 16.50 -10.61 -19.18
N LYS A 305 15.69 -9.63 -18.78
CA LYS A 305 16.12 -8.64 -17.80
C LYS A 305 14.99 -8.17 -16.91
N GLN A 306 15.37 -7.56 -15.78
CA GLN A 306 14.46 -6.96 -14.83
C GLN A 306 15.08 -5.64 -14.38
N ASP A 307 14.37 -4.54 -14.62
CA ASP A 307 14.86 -3.23 -14.21
C ASP A 307 14.08 -2.73 -13.01
N LEU A 308 14.74 -1.96 -12.15
CA LEU A 308 14.11 -1.33 -10.95
C LEU A 308 14.46 0.14 -11.09
N ALA A 309 13.48 1.00 -11.43
CA ALA A 309 13.76 2.42 -11.67
C ALA A 309 13.22 3.32 -10.56
N ALA A 310 14.07 4.16 -9.96
CA ALA A 310 13.68 5.10 -8.91
C ALA A 310 13.21 6.42 -9.60
N ILE A 311 11.92 6.71 -9.52
CA ILE A 311 11.32 7.87 -10.19
C ILE A 311 11.25 9.09 -9.23
N PRO A 312 11.77 10.29 -9.62
CA PRO A 312 11.72 11.44 -8.70
C PRO A 312 10.32 11.87 -8.23
N ASP A 313 9.28 11.57 -9.02
CA ASP A 313 7.87 11.85 -8.68
C ASP A 313 7.07 10.58 -8.88
N PHE A 314 6.50 10.06 -7.81
CA PHE A 314 5.75 8.78 -7.87
C PHE A 314 4.68 8.79 -6.78
N GLN A 315 3.44 8.45 -7.16
CA GLN A 315 2.30 8.55 -6.23
C GLN A 315 2.24 7.46 -5.17
N SER A 316 2.19 6.18 -5.61
CA SER A 316 2.15 5.06 -4.67
C SER A 316 3.60 4.73 -4.23
N GLY A 317 3.83 3.55 -3.67
CA GLY A 317 5.18 3.19 -3.27
C GLY A 317 6.02 2.71 -4.42
N ALA A 318 5.39 1.91 -5.31
CA ALA A 318 6.05 1.25 -6.44
C ALA A 318 5.00 0.62 -7.37
N MET A 319 5.47 0.10 -8.51
CA MET A 319 4.58 -0.52 -9.50
C MET A 319 5.33 -1.67 -10.15
N GLU A 320 4.62 -2.75 -10.45
CA GLU A 320 5.21 -4.00 -10.91
C GLU A 320 5.32 -4.20 -12.44
N ASN A 321 5.38 -3.12 -13.24
CA ASN A 321 5.47 -3.28 -14.72
C ASN A 321 6.47 -4.39 -15.08
N TRP A 322 6.02 -5.35 -15.89
CA TRP A 322 6.81 -6.54 -16.23
C TRP A 322 8.12 -6.16 -16.90
N GLY A 323 9.24 -6.44 -16.23
CA GLY A 323 10.57 -6.12 -16.74
C GLY A 323 11.02 -4.71 -16.44
N LEU A 324 10.11 -3.85 -15.92
CA LEU A 324 10.48 -2.46 -15.60
C LEU A 324 9.71 -2.02 -14.38
N THR A 325 10.14 -2.50 -13.20
CA THR A 325 9.45 -2.13 -11.96
C THR A 325 9.87 -0.70 -11.61
N THR A 326 8.93 0.09 -11.08
CA THR A 326 9.18 1.51 -10.78
C THR A 326 8.90 1.78 -9.31
N TYR A 327 9.61 2.77 -8.73
CA TYR A 327 9.56 3.02 -7.30
C TYR A 327 9.65 4.47 -6.98
N ARG A 328 9.09 4.87 -5.81
CA ARG A 328 9.40 6.17 -5.25
C ARG A 328 10.90 6.01 -4.88
N GLU A 329 11.68 7.11 -4.93
CA GLU A 329 13.10 7.03 -4.55
C GLU A 329 13.25 6.51 -3.10
N SER A 330 12.32 6.91 -2.18
CA SER A 330 12.36 6.48 -0.78
C SER A 330 12.11 4.97 -0.61
N ALA A 331 11.51 4.32 -1.62
CA ALA A 331 11.15 2.89 -1.59
C ALA A 331 12.24 2.02 -2.21
N LEU A 332 13.31 2.65 -2.74
CA LEU A 332 14.35 1.89 -3.42
C LEU A 332 15.76 2.21 -3.00
N LEU A 333 16.05 3.50 -2.73
CA LEU A 333 17.39 4.00 -2.53
C LEU A 333 17.85 4.02 -1.10
N PHE A 334 18.95 3.31 -0.84
CA PHE A 334 19.50 3.19 0.51
C PHE A 334 20.85 3.89 0.68
N ASP A 335 20.94 4.78 1.69
CA ASP A 335 22.18 5.51 2.04
C ASP A 335 22.67 4.83 3.33
N ALA A 336 23.80 4.09 3.26
CA ALA A 336 24.36 3.35 4.39
C ALA A 336 24.64 4.20 5.65
N GLU A 337 24.75 5.53 5.48
CA GLU A 337 25.03 6.40 6.61
C GLU A 337 23.82 7.15 7.15
N LYS A 338 22.83 7.46 6.28
CA LYS A 338 21.66 8.26 6.67
C LYS A 338 20.33 7.51 6.71
N SER A 339 20.24 6.35 6.02
CA SER A 339 18.98 5.59 6.01
C SER A 339 18.67 4.89 7.33
N SER A 340 17.39 4.86 7.71
CA SER A 340 16.97 4.20 8.96
C SER A 340 16.82 2.69 8.75
N ALA A 341 16.77 1.95 9.87
CA ALA A 341 16.56 0.49 9.83
C ALA A 341 15.17 0.22 9.19
N SER A 342 14.15 1.05 9.56
CA SER A 342 12.79 0.94 9.02
CA SER A 342 12.80 0.90 9.01
C SER A 342 12.78 1.16 7.49
N SER A 343 13.56 2.18 6.99
CA SER A 343 13.63 2.42 5.53
CA SER A 343 13.58 2.41 5.53
C SER A 343 14.28 1.23 4.83
N LYS A 344 15.33 0.65 5.44
CA LYS A 344 16.04 -0.51 4.86
C LYS A 344 15.07 -1.69 4.72
N LEU A 345 14.28 -1.94 5.78
CA LEU A 345 13.23 -2.96 5.83
C LEU A 345 12.15 -2.68 4.75
N GLY A 346 11.71 -1.42 4.66
CA GLY A 346 10.73 -0.96 3.68
C GLY A 346 11.17 -1.25 2.25
N ILE A 347 12.46 -0.96 1.93
CA ILE A 347 13.02 -1.22 0.58
C ILE A 347 12.97 -2.72 0.29
N THR A 348 13.47 -3.54 1.22
CA THR A 348 13.51 -4.99 1.06
C THR A 348 12.10 -5.54 0.81
N MET A 349 11.13 -5.08 1.61
CA MET A 349 9.74 -5.53 1.48
C MET A 349 9.09 -5.04 0.19
N THR A 350 9.42 -3.82 -0.26
CA THR A 350 8.83 -3.28 -1.50
C THR A 350 9.39 -4.03 -2.73
N VAL A 351 10.67 -4.28 -2.75
CA VAL A 351 11.32 -5.04 -3.85
C VAL A 351 10.73 -6.46 -3.85
N ALA A 352 10.58 -7.09 -2.65
CA ALA A 352 9.95 -8.41 -2.53
C ALA A 352 8.51 -8.40 -3.09
N HIS A 353 7.76 -7.32 -2.82
CA HIS A 353 6.38 -7.16 -3.27
C HIS A 353 6.29 -7.11 -4.80
N GLU A 354 7.03 -6.16 -5.41
CA GLU A 354 7.03 -6.00 -6.87
C GLU A 354 7.48 -7.26 -7.59
N LEU A 355 8.52 -7.94 -7.05
CA LEU A 355 9.01 -9.16 -7.69
C LEU A 355 8.02 -10.32 -7.55
N ALA A 356 7.29 -10.38 -6.42
CA ALA A 356 6.24 -11.42 -6.26
C ALA A 356 5.19 -11.25 -7.35
N HIS A 357 4.86 -9.98 -7.68
CA HIS A 357 3.88 -9.66 -8.76
C HIS A 357 4.31 -10.18 -10.11
N GLN A 358 5.62 -10.41 -10.33
CA GLN A 358 6.03 -10.95 -11.66
C GLN A 358 5.27 -12.28 -11.95
N TRP A 359 4.95 -13.02 -10.87
CA TRP A 359 4.16 -14.27 -10.95
C TRP A 359 2.70 -13.94 -10.61
N PHE A 360 2.47 -13.39 -9.40
CA PHE A 360 1.11 -13.06 -8.94
C PHE A 360 0.69 -11.66 -9.40
N GLY A 361 0.26 -11.58 -10.64
CA GLY A 361 -0.22 -10.33 -11.20
C GLY A 361 0.11 -10.24 -12.68
N ASN A 362 1.36 -10.52 -13.03
CA ASN A 362 1.84 -10.43 -14.40
C ASN A 362 1.63 -11.72 -15.15
N LEU A 363 2.26 -12.79 -14.67
CA LEU A 363 2.14 -14.12 -15.29
C LEU A 363 0.68 -14.61 -15.21
N VAL A 364 0.06 -14.50 -14.02
CA VAL A 364 -1.34 -14.84 -13.79
C VAL A 364 -1.98 -13.55 -13.31
N THR A 365 -3.07 -13.13 -13.95
CA THR A 365 -3.72 -11.85 -13.62
C THR A 365 -5.18 -12.06 -13.30
N MET A 366 -5.76 -11.26 -12.39
CA MET A 366 -7.19 -11.38 -12.16
C MET A 366 -7.96 -11.04 -13.46
N GLU A 367 -9.09 -11.72 -13.67
CA GLU A 367 -9.95 -11.53 -14.83
C GLU A 367 -10.53 -10.12 -14.83
N TRP A 368 -10.92 -9.62 -13.64
CA TRP A 368 -11.46 -8.27 -13.50
C TRP A 368 -11.11 -7.75 -12.10
N TRP A 369 -11.10 -6.43 -11.95
CA TRP A 369 -10.74 -5.71 -10.73
C TRP A 369 -11.53 -6.13 -9.47
N ASN A 370 -12.73 -6.77 -9.63
CA ASN A 370 -13.48 -7.27 -8.47
C ASN A 370 -12.61 -8.27 -7.67
N ASP A 371 -11.69 -8.97 -8.37
CA ASP A 371 -10.76 -9.95 -7.80
C ASP A 371 -9.32 -9.43 -7.71
N LEU A 372 -9.14 -8.09 -7.58
CA LEU A 372 -7.78 -7.51 -7.43
C LEU A 372 -6.97 -8.20 -6.32
N TRP A 373 -7.64 -8.66 -5.25
CA TRP A 373 -6.94 -9.30 -4.15
C TRP A 373 -6.09 -10.51 -4.61
N LEU A 374 -6.45 -11.19 -5.75
CA LEU A 374 -5.64 -12.32 -6.26
C LEU A 374 -4.21 -11.86 -6.61
N ASN A 375 -4.06 -10.57 -6.98
CA ASN A 375 -2.76 -9.96 -7.26
C ASN A 375 -2.19 -9.44 -5.94
N GLU A 376 -2.95 -8.56 -5.27
CA GLU A 376 -2.44 -7.79 -4.13
C GLU A 376 -2.29 -8.57 -2.83
N GLY A 377 -3.27 -9.40 -2.50
CA GLY A 377 -3.20 -10.22 -1.28
C GLY A 377 -2.02 -11.17 -1.35
N PHE A 378 -1.82 -11.79 -2.52
CA PHE A 378 -0.68 -12.69 -2.74
C PHE A 378 0.66 -11.96 -2.71
N ALA A 379 0.77 -10.81 -3.40
CA ALA A 379 2.06 -10.10 -3.41
C ALA A 379 2.44 -9.62 -2.00
N LYS A 380 1.45 -9.13 -1.22
CA LYS A 380 1.66 -8.68 0.17
C LYS A 380 2.14 -9.87 1.04
N PHE A 381 1.44 -11.00 0.92
CA PHE A 381 1.78 -12.21 1.68
C PHE A 381 3.18 -12.75 1.29
N MET A 382 3.50 -12.76 -0.01
CA MET A 382 4.79 -13.26 -0.51
C MET A 382 5.99 -12.43 -0.04
N GLU A 383 5.79 -11.12 0.27
CA GLU A 383 6.88 -10.26 0.82
C GLU A 383 7.40 -10.95 2.07
N PHE A 384 6.48 -11.43 2.92
CA PHE A 384 6.82 -12.07 4.19
C PHE A 384 7.41 -13.45 3.99
N VAL A 385 6.86 -14.24 3.05
CA VAL A 385 7.40 -15.57 2.80
C VAL A 385 8.86 -15.49 2.28
N SER A 386 9.09 -14.63 1.27
CA SER A 386 10.39 -14.47 0.62
C SER A 386 11.46 -13.87 1.54
N VAL A 387 11.16 -12.74 2.20
CA VAL A 387 12.13 -12.04 3.05
C VAL A 387 12.48 -12.88 4.32
N SER A 388 11.52 -13.72 4.80
CA SER A 388 11.78 -14.60 5.95
CA SER A 388 11.79 -14.59 5.96
C SER A 388 12.91 -15.59 5.65
N VAL A 389 13.03 -15.99 4.37
CA VAL A 389 14.04 -16.91 3.87
C VAL A 389 15.34 -16.16 3.48
N THR A 390 15.23 -15.11 2.65
CA THR A 390 16.39 -14.37 2.12
C THR A 390 17.11 -13.50 3.15
N HIS A 391 16.36 -12.84 4.05
CA HIS A 391 16.89 -11.93 5.08
C HIS A 391 16.35 -12.38 6.46
N PRO A 392 16.76 -13.57 6.98
CA PRO A 392 16.22 -14.00 8.29
C PRO A 392 16.60 -13.11 9.48
N GLU A 393 17.58 -12.18 9.31
CA GLU A 393 18.00 -11.21 10.33
C GLU A 393 16.99 -10.05 10.47
N LEU A 394 16.09 -9.90 9.46
CA LEU A 394 15.06 -8.87 9.48
C LEU A 394 13.85 -9.34 10.30
N LYS A 395 13.79 -10.65 10.65
CA LYS A 395 12.73 -11.31 11.42
C LYS A 395 11.30 -10.82 11.05
N VAL A 396 11.03 -10.69 9.73
CA VAL A 396 9.79 -10.12 9.19
C VAL A 396 8.52 -10.89 9.57
N GLY A 397 8.59 -12.21 9.67
CA GLY A 397 7.44 -13.05 10.02
C GLY A 397 6.74 -12.60 11.30
N ASP A 398 7.54 -12.11 12.27
CA ASP A 398 7.09 -11.60 13.56
C ASP A 398 6.23 -10.34 13.45
N TYR A 399 6.39 -9.58 12.34
CA TYR A 399 5.67 -8.32 12.12
C TYR A 399 4.38 -8.52 11.32
N PHE A 400 4.22 -9.69 10.68
CA PHE A 400 3.09 -9.93 9.78
C PHE A 400 1.71 -9.65 10.38
N PHE A 401 1.44 -10.11 11.61
CA PHE A 401 0.13 -9.93 12.24
C PHE A 401 -0.33 -8.47 12.33
N GLY A 402 0.62 -7.53 12.32
CA GLY A 402 0.35 -6.10 12.34
C GLY A 402 -0.50 -5.68 11.15
N LYS A 403 -0.30 -6.36 9.99
CA LYS A 403 -1.06 -6.10 8.75
C LYS A 403 -2.52 -6.52 8.93
N CYS A 404 -2.75 -7.60 9.68
CA CYS A 404 -4.09 -8.09 9.97
C CYS A 404 -4.84 -7.13 10.87
N PHE A 405 -4.14 -6.54 11.86
CA PHE A 405 -4.77 -5.55 12.71
C PHE A 405 -5.12 -4.29 11.94
N ASP A 406 -4.27 -3.90 10.96
CA ASP A 406 -4.53 -2.76 10.08
C ASP A 406 -5.83 -3.02 9.30
N ALA A 407 -5.96 -4.22 8.71
CA ALA A 407 -7.15 -4.60 7.97
C ALA A 407 -8.40 -4.57 8.88
N MET A 408 -8.27 -5.08 10.13
CA MET A 408 -9.38 -5.11 11.10
C MET A 408 -9.94 -3.75 11.45
N GLU A 409 -9.10 -2.69 11.41
CA GLU A 409 -9.52 -1.31 11.68
C GLU A 409 -10.62 -0.89 10.70
N VAL A 410 -10.41 -1.12 9.40
CA VAL A 410 -11.37 -0.77 8.35
C VAL A 410 -12.50 -1.81 8.31
N ASP A 411 -12.13 -3.08 8.42
CA ASP A 411 -13.06 -4.19 8.29
C ASP A 411 -14.04 -4.35 9.47
N ALA A 412 -13.81 -3.65 10.59
CA ALA A 412 -14.74 -3.68 11.72
C ALA A 412 -15.96 -2.76 11.45
N LEU A 413 -15.87 -1.91 10.41
CA LEU A 413 -16.91 -0.94 10.07
C LEU A 413 -17.94 -1.47 9.07
N GLN A 414 -19.20 -0.98 9.17
CA GLN A 414 -20.29 -1.33 8.24
C GLN A 414 -19.90 -0.97 6.80
N SER A 415 -19.11 0.13 6.64
CA SER A 415 -18.65 0.62 5.35
C SER A 415 -17.48 -0.17 4.72
N SER A 416 -17.08 -1.33 5.32
CA SER A 416 -16.07 -2.17 4.69
C SER A 416 -16.77 -2.90 3.52
N HIS A 417 -16.04 -3.71 2.78
CA HIS A 417 -16.56 -4.45 1.65
C HIS A 417 -15.94 -5.86 1.66
N PRO A 418 -16.61 -6.87 1.06
CA PRO A 418 -15.99 -8.20 0.96
C PRO A 418 -14.72 -8.09 0.13
N VAL A 419 -13.76 -8.98 0.37
CA VAL A 419 -12.48 -9.06 -0.34
C VAL A 419 -12.73 -9.04 -1.87
N SER A 420 -13.72 -9.84 -2.33
CA SER A 420 -14.13 -9.89 -3.74
CA SER A 420 -14.13 -9.92 -3.73
C SER A 420 -15.48 -9.20 -3.80
N THR A 421 -15.53 -8.07 -4.51
CA THR A 421 -16.75 -7.26 -4.57
C THR A 421 -16.89 -6.58 -5.95
N PRO A 422 -18.11 -6.35 -6.46
CA PRO A 422 -18.24 -5.76 -7.82
C PRO A 422 -17.75 -4.32 -7.93
N VAL A 423 -17.08 -4.00 -9.05
CA VAL A 423 -16.62 -2.65 -9.37
C VAL A 423 -16.80 -2.42 -10.86
N GLU A 424 -16.99 -1.17 -11.28
CA GLU A 424 -17.22 -0.89 -12.70
C GLU A 424 -16.44 0.31 -13.23
N ASN A 425 -16.52 1.45 -12.54
CA ASN A 425 -15.87 2.65 -13.04
C ASN A 425 -14.45 2.83 -12.49
N PRO A 426 -13.60 3.71 -13.10
CA PRO A 426 -12.21 3.84 -12.63
C PRO A 426 -12.05 4.23 -11.17
N ALA A 427 -12.92 5.12 -10.62
CA ALA A 427 -12.83 5.50 -9.20
C ALA A 427 -13.10 4.29 -8.28
N GLN A 428 -14.12 3.46 -8.62
CA GLN A 428 -14.45 2.24 -7.86
C GLN A 428 -13.27 1.24 -7.93
N ILE A 429 -12.67 1.13 -9.12
CA ILE A 429 -11.52 0.23 -9.29
C ILE A 429 -10.33 0.68 -8.41
N ARG A 430 -10.03 1.98 -8.41
CA ARG A 430 -8.95 2.52 -7.59
C ARG A 430 -9.20 2.28 -6.11
N GLU A 431 -10.48 2.28 -5.69
CA GLU A 431 -10.85 2.02 -4.28
C GLU A 431 -10.53 0.59 -3.85
N MET A 432 -10.33 -0.32 -4.82
CA MET A 432 -9.96 -1.71 -4.50
C MET A 432 -8.50 -1.79 -4.03
N PHE A 433 -7.66 -0.77 -4.31
CA PHE A 433 -6.26 -0.77 -3.84
C PHE A 433 -6.24 -0.27 -2.37
N ASP A 434 -6.73 -1.10 -1.45
CA ASP A 434 -6.92 -0.68 -0.06
C ASP A 434 -6.47 -1.78 0.92
N ASP A 435 -6.61 -1.56 2.26
CA ASP A 435 -6.18 -2.55 3.24
C ASP A 435 -6.95 -3.87 3.18
N VAL A 436 -8.19 -3.88 2.61
CA VAL A 436 -8.93 -5.15 2.47
C VAL A 436 -8.23 -6.04 1.41
N SER A 437 -7.96 -5.49 0.20
CA SER A 437 -7.32 -6.29 -0.86
C SER A 437 -5.91 -6.70 -0.47
N TYR A 438 -5.13 -5.77 0.09
CA TYR A 438 -3.72 -6.03 0.45
C TYR A 438 -3.56 -6.81 1.75
N ASP A 439 -3.99 -6.22 2.88
CA ASP A 439 -3.79 -6.77 4.22
C ASP A 439 -4.75 -7.90 4.56
N LYS A 440 -6.09 -7.71 4.40
CA LYS A 440 -6.99 -8.84 4.69
C LYS A 440 -6.69 -9.96 3.69
N GLY A 441 -6.42 -9.61 2.42
CA GLY A 441 -6.08 -10.62 1.41
C GLY A 441 -4.91 -11.48 1.87
N ALA A 442 -3.81 -10.84 2.31
CA ALA A 442 -2.62 -11.54 2.80
C ALA A 442 -2.93 -12.35 4.08
N CYS A 443 -3.70 -11.75 4.99
CA CYS A 443 -4.04 -12.41 6.26
C CYS A 443 -4.88 -13.67 6.09
N ILE A 444 -5.86 -13.66 5.18
CA ILE A 444 -6.68 -14.87 4.95
C ILE A 444 -5.86 -15.96 4.24
N LEU A 445 -4.86 -15.54 3.43
CA LEU A 445 -3.95 -16.48 2.78
C LEU A 445 -3.02 -17.08 3.83
N ASN A 446 -2.53 -16.25 4.77
CA ASN A 446 -1.67 -16.76 5.84
C ASN A 446 -2.44 -17.78 6.68
N MET A 447 -3.70 -17.46 7.00
CA MET A 447 -4.60 -18.31 7.76
C MET A 447 -4.83 -19.66 7.03
N LEU A 448 -5.06 -19.62 5.70
CA LEU A 448 -5.23 -20.80 4.86
C LEU A 448 -3.95 -21.66 4.83
N ARG A 449 -2.78 -21.02 4.71
CA ARG A 449 -1.49 -21.71 4.70
C ARG A 449 -1.25 -22.47 6.00
N GLU A 450 -1.53 -21.83 7.15
CA GLU A 450 -1.37 -22.46 8.47
C GLU A 450 -2.32 -23.66 8.60
N TYR A 451 -3.55 -23.52 8.07
CA TYR A 451 -4.55 -24.59 8.08
C TYR A 451 -4.16 -25.78 7.19
N LEU A 452 -3.71 -25.51 5.95
CA LEU A 452 -3.36 -26.57 4.99
C LEU A 452 -2.01 -27.21 5.22
N SER A 453 -1.07 -26.45 5.80
CA SER A 453 0.36 -26.62 6.04
C SER A 453 1.05 -25.93 4.88
N ALA A 454 2.26 -25.40 5.12
CA ALA A 454 3.05 -24.69 4.12
C ALA A 454 3.29 -25.48 2.81
N ASP A 455 3.58 -26.79 2.90
CA ASP A 455 3.83 -27.61 1.69
C ASP A 455 2.60 -27.84 0.80
N ALA A 456 1.44 -28.12 1.41
CA ALA A 456 0.20 -28.31 0.64
C ALA A 456 -0.22 -26.96 -0.02
N PHE A 457 -0.05 -25.84 0.71
CA PHE A 457 -0.32 -24.49 0.21
C PHE A 457 0.60 -24.17 -1.00
N LYS A 458 1.91 -24.49 -0.86
CA LYS A 458 2.92 -24.27 -1.91
C LYS A 458 2.55 -25.07 -3.16
N SER A 459 2.20 -26.37 -3.01
CA SER A 459 1.79 -27.20 -4.14
C SER A 459 0.60 -26.59 -4.86
N GLY A 460 -0.36 -26.05 -4.10
CA GLY A 460 -1.55 -25.40 -4.62
C GLY A 460 -1.21 -24.18 -5.47
N ILE A 461 -0.30 -23.32 -4.95
CA ILE A 461 0.23 -22.08 -5.58
C ILE A 461 0.85 -22.42 -6.93
N VAL A 462 1.78 -23.42 -6.94
CA VAL A 462 2.52 -23.83 -8.12
C VAL A 462 1.56 -24.35 -9.18
N GLN A 463 0.59 -25.22 -8.79
CA GLN A 463 -0.41 -25.75 -9.72
C GLN A 463 -1.21 -24.59 -10.35
N TYR A 464 -1.63 -23.62 -9.51
CA TYR A 464 -2.39 -22.44 -9.92
C TYR A 464 -1.60 -21.61 -10.94
N LEU A 465 -0.34 -21.25 -10.60
CA LEU A 465 0.54 -20.47 -11.49
C LEU A 465 0.80 -21.17 -12.82
N GLN A 466 1.06 -22.51 -12.80
CA GLN A 466 1.31 -23.27 -14.02
C GLN A 466 0.10 -23.36 -14.94
N LYS A 467 -1.07 -23.73 -14.39
CA LYS A 467 -2.31 -23.89 -15.15
C LYS A 467 -2.82 -22.59 -15.78
N HIS A 468 -2.63 -21.45 -15.11
CA HIS A 468 -3.16 -20.17 -15.57
C HIS A 468 -2.12 -19.19 -16.10
N SER A 469 -0.90 -19.69 -16.39
CA SER A 469 0.21 -18.89 -16.94
C SER A 469 -0.21 -18.17 -18.22
N TYR A 470 0.00 -16.83 -18.29
CA TYR A 470 -0.35 -15.94 -19.43
C TYR A 470 -1.85 -15.84 -19.66
N LYS A 471 -2.63 -16.15 -18.61
CA LYS A 471 -4.08 -16.13 -18.65
C LYS A 471 -4.66 -15.37 -17.46
N ASN A 472 -6.00 -15.36 -17.30
CA ASN A 472 -6.66 -14.66 -16.20
C ASN A 472 -7.44 -15.59 -15.31
N THR A 473 -7.58 -15.21 -14.04
CA THR A 473 -8.27 -16.03 -13.04
C THR A 473 -9.32 -15.28 -12.25
N LYS A 474 -10.22 -16.05 -11.64
CA LYS A 474 -11.24 -15.55 -10.73
C LYS A 474 -11.03 -16.34 -9.42
N ASN A 475 -11.68 -15.93 -8.34
CA ASN A 475 -11.57 -16.66 -7.05
C ASN A 475 -11.69 -18.17 -7.11
N GLU A 476 -12.73 -18.70 -7.80
CA GLU A 476 -12.99 -20.15 -7.91
C GLU A 476 -11.78 -20.89 -8.47
N ASP A 477 -11.01 -20.24 -9.40
CA ASP A 477 -9.81 -20.84 -9.98
C ASP A 477 -8.77 -21.11 -8.91
N LEU A 478 -8.58 -20.17 -7.97
CA LEU A 478 -7.65 -20.34 -6.86
C LEU A 478 -8.09 -21.49 -5.96
N TRP A 479 -9.38 -21.55 -5.57
CA TRP A 479 -9.88 -22.65 -4.73
C TRP A 479 -9.72 -24.00 -5.36
N ASP A 480 -10.06 -24.12 -6.67
CA ASP A 480 -9.94 -25.36 -7.45
C ASP A 480 -8.50 -25.85 -7.43
N SER A 481 -7.53 -24.93 -7.57
CA SER A 481 -6.11 -25.24 -7.52
C SER A 481 -5.64 -25.75 -6.16
N MET A 482 -6.07 -25.07 -5.09
CA MET A 482 -5.72 -25.39 -3.70
C MET A 482 -6.35 -26.72 -3.27
N ALA A 483 -7.58 -26.98 -3.73
CA ALA A 483 -8.29 -28.22 -3.41
C ALA A 483 -7.76 -29.43 -4.15
N SER A 484 -7.06 -29.25 -5.29
CA SER A 484 -6.51 -30.35 -6.10
C SER A 484 -5.28 -31.06 -5.49
N ILE A 485 -4.81 -30.60 -4.30
CA ILE A 485 -3.66 -31.17 -3.60
C ILE A 485 -4.07 -32.31 -2.65
N GLY A 489 -7.24 -30.68 1.04
CA GLY A 489 -7.93 -29.40 1.01
C GLY A 489 -9.36 -29.51 0.51
N VAL A 490 -10.11 -30.49 1.05
CA VAL A 490 -11.50 -30.75 0.68
C VAL A 490 -12.45 -29.59 1.06
N ASP A 491 -12.17 -28.87 2.17
CA ASP A 491 -13.01 -27.76 2.63
C ASP A 491 -12.59 -26.35 2.11
N VAL A 492 -11.53 -26.25 1.27
CA VAL A 492 -10.97 -24.97 0.79
C VAL A 492 -12.03 -24.03 0.16
N LYS A 493 -12.79 -24.48 -0.85
CA LYS A 493 -13.81 -23.64 -1.51
C LYS A 493 -14.85 -23.06 -0.53
N THR A 494 -15.54 -23.94 0.24
CA THR A 494 -16.55 -23.47 1.20
C THR A 494 -15.95 -22.53 2.22
N MET A 495 -14.82 -22.92 2.81
CA MET A 495 -14.14 -22.10 3.80
C MET A 495 -13.74 -20.71 3.24
N MET A 496 -13.02 -20.70 2.11
CA MET A 496 -12.48 -19.43 1.58
C MET A 496 -13.55 -18.53 0.97
N ASN A 497 -14.70 -19.09 0.59
CA ASN A 497 -15.82 -18.24 0.15
C ASN A 497 -16.34 -17.45 1.33
N THR A 498 -16.36 -18.02 2.56
CA THR A 498 -16.81 -17.26 3.74
C THR A 498 -15.88 -16.06 4.02
N TRP A 499 -14.59 -16.21 3.73
CA TRP A 499 -13.58 -15.17 3.98
C TRP A 499 -13.48 -14.11 2.86
N THR A 500 -13.99 -14.41 1.66
CA THR A 500 -13.88 -13.50 0.50
C THR A 500 -15.18 -12.88 0.05
N LEU A 501 -16.34 -13.52 0.38
CA LEU A 501 -17.63 -13.02 -0.10
C LEU A 501 -18.49 -12.32 0.97
N GLN A 502 -18.00 -12.26 2.21
CA GLN A 502 -18.66 -11.60 3.35
C GLN A 502 -17.68 -10.55 3.84
N LYS A 503 -18.15 -9.36 4.24
CA LYS A 503 -17.23 -8.39 4.83
C LYS A 503 -17.02 -8.79 6.31
N GLY A 504 -16.06 -8.12 6.96
CA GLY A 504 -15.87 -8.25 8.38
C GLY A 504 -15.21 -9.54 8.83
N PHE A 505 -15.31 -9.81 10.12
CA PHE A 505 -14.68 -10.98 10.70
C PHE A 505 -15.44 -11.36 11.97
N PRO A 506 -15.28 -12.62 12.41
CA PRO A 506 -15.99 -13.03 13.62
C PRO A 506 -15.29 -12.73 14.93
N LEU A 507 -16.13 -12.56 15.96
CA LEU A 507 -15.77 -12.55 17.36
C LEU A 507 -15.98 -14.03 17.81
N ILE A 508 -14.95 -14.67 18.33
CA ILE A 508 -15.04 -16.04 18.86
C ILE A 508 -15.14 -15.92 20.37
N THR A 509 -16.22 -16.43 20.96
CA THR A 509 -16.40 -16.39 22.42
C THR A 509 -16.10 -17.77 22.98
N ILE A 510 -15.23 -17.80 24.03
CA ILE A 510 -14.77 -19.01 24.72
C ILE A 510 -15.32 -19.08 26.14
N THR A 511 -15.96 -20.21 26.46
CA THR A 511 -16.48 -20.49 27.79
C THR A 511 -15.97 -21.88 28.20
N VAL A 512 -15.28 -21.96 29.34
CA VAL A 512 -14.70 -23.22 29.82
C VAL A 512 -15.48 -23.76 31.02
N ARG A 513 -15.90 -25.04 30.94
CA ARG A 513 -16.61 -25.76 32.01
C ARG A 513 -15.86 -27.09 32.18
N GLY A 514 -14.92 -27.11 33.12
CA GLY A 514 -14.08 -28.27 33.36
C GLY A 514 -13.17 -28.49 32.17
N ARG A 515 -13.27 -29.66 31.55
CA ARG A 515 -12.48 -29.99 30.34
C ARG A 515 -13.23 -29.51 29.08
N ASN A 516 -14.50 -29.08 29.23
CA ASN A 516 -15.33 -28.68 28.09
C ASN A 516 -15.15 -27.21 27.69
N VAL A 517 -14.58 -27.01 26.49
CA VAL A 517 -14.29 -25.70 25.91
C VAL A 517 -15.38 -25.37 24.86
N HIS A 518 -16.31 -24.49 25.24
CA HIS A 518 -17.39 -24.09 24.36
C HIS A 518 -16.92 -22.94 23.49
N MET A 519 -17.23 -23.01 22.18
CA MET A 519 -16.86 -21.96 21.23
C MET A 519 -18.13 -21.42 20.53
N LYS A 520 -18.18 -20.12 20.31
CA LYS A 520 -19.30 -19.48 19.60
C LYS A 520 -18.72 -18.43 18.66
N GLN A 521 -19.25 -18.33 17.41
CA GLN A 521 -18.85 -17.26 16.50
C GLN A 521 -20.03 -16.32 16.26
N GLU A 522 -19.74 -15.05 16.03
CA GLU A 522 -20.73 -14.04 15.66
C GLU A 522 -19.98 -12.92 14.93
N HIS A 523 -20.64 -12.24 14.02
CA HIS A 523 -20.03 -11.12 13.28
C HIS A 523 -19.65 -9.99 14.24
N TYR A 524 -18.37 -9.58 14.26
CA TYR A 524 -17.89 -8.47 15.08
C TYR A 524 -18.33 -7.16 14.36
N MET A 525 -19.12 -6.30 15.02
CA MET A 525 -19.55 -5.01 14.45
C MET A 525 -19.52 -3.86 15.48
N LYS A 526 -18.74 -2.79 15.18
CA LYS A 526 -18.47 -1.65 16.08
C LYS A 526 -19.72 -0.85 16.48
N GLY A 527 -19.74 -0.47 17.78
CA GLY A 527 -20.84 0.25 18.40
C GLY A 527 -21.69 -0.63 19.28
N GLY A 535 -27.27 -13.27 8.60
CA GLY A 535 -26.74 -14.49 9.20
C GLY A 535 -25.31 -14.79 8.78
N TYR A 536 -24.34 -14.00 9.30
CA TYR A 536 -22.91 -14.16 9.01
C TYR A 536 -22.38 -15.45 9.62
N LEU A 537 -21.66 -16.24 8.83
CA LEU A 537 -21.09 -17.51 9.30
C LEU A 537 -19.78 -17.79 8.56
N TRP A 538 -18.74 -18.16 9.31
CA TRP A 538 -17.44 -18.46 8.71
C TRP A 538 -16.99 -19.89 9.03
N HIS A 539 -16.02 -20.41 8.27
CA HIS A 539 -15.34 -21.67 8.61
C HIS A 539 -14.06 -21.13 9.18
N VAL A 540 -13.95 -21.18 10.51
CA VAL A 540 -12.83 -20.56 11.25
C VAL A 540 -11.78 -21.62 11.66
N PRO A 541 -10.57 -21.60 11.08
CA PRO A 541 -9.53 -22.56 11.53
C PRO A 541 -8.91 -22.04 12.83
N LEU A 542 -9.53 -22.38 13.96
CA LEU A 542 -9.05 -21.94 15.26
C LEU A 542 -7.74 -22.62 15.62
N THR A 543 -6.95 -21.94 16.44
CA THR A 543 -5.75 -22.52 17.04
C THR A 543 -5.73 -22.18 18.52
N PHE A 544 -5.10 -23.00 19.31
CA PHE A 544 -4.97 -22.73 20.75
C PHE A 544 -3.77 -23.42 21.37
N ILE A 545 -3.32 -22.88 22.52
CA ILE A 545 -2.33 -23.44 23.41
C ILE A 545 -2.96 -23.40 24.80
N THR A 546 -2.43 -24.20 25.71
CA THR A 546 -2.92 -24.21 27.08
C THR A 546 -1.75 -24.20 28.02
N SER A 547 -2.04 -24.02 29.32
CA SER A 547 -1.05 -24.12 30.39
C SER A 547 -0.40 -25.52 30.42
N LYS A 548 -1.05 -26.55 29.81
CA LYS A 548 -0.51 -27.95 29.83
C LYS A 548 0.16 -28.35 28.51
N SER A 549 -0.06 -27.57 27.44
CA SER A 549 0.47 -27.90 26.12
C SER A 549 0.78 -26.68 25.29
N ASP A 550 2.07 -26.51 24.95
CA ASP A 550 2.45 -25.40 24.10
C ASP A 550 2.49 -25.83 22.61
N MET A 551 2.07 -27.09 22.31
CA MET A 551 1.92 -27.50 20.91
C MET A 551 0.72 -26.67 20.41
N VAL A 552 0.75 -26.23 19.15
CA VAL A 552 -0.35 -25.47 18.56
C VAL A 552 -1.45 -26.48 18.19
N HIS A 553 -2.59 -26.38 18.87
CA HIS A 553 -3.73 -27.26 18.61
C HIS A 553 -4.68 -26.62 17.64
N ARG A 554 -5.34 -27.45 16.80
CA ARG A 554 -6.22 -26.92 15.75
C ARG A 554 -7.65 -27.42 15.88
N PHE A 555 -8.61 -26.55 15.60
CA PHE A 555 -10.03 -26.92 15.66
C PHE A 555 -10.74 -26.10 14.59
N LEU A 556 -11.36 -26.78 13.61
CA LEU A 556 -12.08 -26.07 12.56
C LEU A 556 -13.53 -25.83 13.00
N LEU A 557 -13.86 -24.55 13.25
CA LEU A 557 -15.22 -24.18 13.66
C LEU A 557 -16.02 -23.84 12.38
N LYS A 558 -16.90 -24.75 11.96
CA LYS A 558 -17.70 -24.60 10.72
C LYS A 558 -19.11 -24.15 11.04
N THR A 559 -19.46 -24.09 12.32
CA THR A 559 -20.82 -23.83 12.78
C THR A 559 -20.90 -22.66 13.75
N LYS A 560 -22.13 -22.24 14.08
CA LYS A 560 -22.32 -21.13 15.05
C LYS A 560 -21.68 -21.43 16.40
N THR A 561 -21.82 -22.68 16.87
CA THR A 561 -21.27 -23.12 18.15
C THR A 561 -20.70 -24.54 18.01
N ASP A 562 -19.78 -24.87 18.90
CA ASP A 562 -19.18 -26.21 19.00
C ASP A 562 -18.54 -26.36 20.37
N VAL A 563 -18.03 -27.53 20.66
CA VAL A 563 -17.39 -27.80 21.93
C VAL A 563 -16.22 -28.73 21.67
N LEU A 564 -15.13 -28.51 22.39
CA LEU A 564 -14.01 -29.42 22.33
C LEU A 564 -13.73 -29.89 23.73
N ILE A 565 -13.31 -31.14 23.87
CA ILE A 565 -13.07 -31.71 25.19
C ILE A 565 -11.57 -31.81 25.40
N LEU A 566 -11.01 -31.04 26.35
CA LEU A 566 -9.58 -31.10 26.64
C LEU A 566 -9.24 -32.46 27.27
N PRO A 567 -8.01 -33.00 27.06
CA PRO A 567 -7.69 -34.31 27.68
C PRO A 567 -7.68 -34.28 29.21
N GLU A 568 -7.29 -33.13 29.78
CA GLU A 568 -7.23 -32.88 31.24
C GLU A 568 -7.54 -31.40 31.44
N GLU A 569 -8.07 -31.05 32.63
CA GLU A 569 -8.37 -29.64 32.96
C GLU A 569 -7.08 -28.81 32.93
N VAL A 570 -7.20 -27.55 32.57
CA VAL A 570 -6.08 -26.63 32.45
C VAL A 570 -6.30 -25.36 33.30
N GLU A 571 -5.21 -24.69 33.61
CA GLU A 571 -5.23 -23.43 34.34
C GLU A 571 -5.70 -22.29 33.39
N TRP A 572 -5.26 -22.28 32.11
CA TRP A 572 -5.65 -21.26 31.13
C TRP A 572 -5.58 -21.84 29.71
N ILE A 573 -6.27 -21.22 28.79
CA ILE A 573 -6.29 -21.57 27.36
C ILE A 573 -6.21 -20.26 26.58
N LYS A 574 -5.41 -20.24 25.49
CA LYS A 574 -5.28 -19.01 24.72
C LYS A 574 -5.49 -19.37 23.26
N PHE A 575 -6.52 -18.79 22.65
CA PHE A 575 -6.85 -19.02 21.24
C PHE A 575 -6.15 -18.02 20.32
N ASN A 576 -6.04 -18.38 19.04
CA ASN A 576 -5.42 -17.56 17.97
C ASN A 576 -3.92 -17.41 18.23
N VAL A 577 -3.22 -18.53 18.15
CA VAL A 577 -1.78 -18.61 18.47
C VAL A 577 -0.93 -17.78 17.50
N GLY A 578 -0.18 -16.84 18.05
CA GLY A 578 0.65 -15.93 17.27
C GLY A 578 -0.15 -14.97 16.39
N MET A 579 -1.48 -14.85 16.64
CA MET A 579 -2.39 -14.00 15.85
C MET A 579 -2.34 -14.40 14.35
N ASN A 580 -2.34 -15.70 14.05
CA ASN A 580 -2.30 -16.16 12.66
C ASN A 580 -3.70 -16.23 12.02
N GLY A 581 -4.74 -16.03 12.84
CA GLY A 581 -6.13 -16.05 12.40
C GLY A 581 -6.79 -14.69 12.32
N TYR A 582 -7.61 -14.51 11.28
CA TYR A 582 -8.34 -13.26 11.04
C TYR A 582 -9.68 -13.27 11.85
N TYR A 583 -9.55 -13.23 13.17
CA TYR A 583 -10.67 -13.20 14.09
C TYR A 583 -10.23 -12.68 15.44
N ILE A 584 -11.18 -12.28 16.27
CA ILE A 584 -10.83 -11.84 17.61
C ILE A 584 -11.45 -12.79 18.62
N VAL A 585 -10.95 -12.77 19.87
CA VAL A 585 -11.43 -13.71 20.88
C VAL A 585 -11.86 -13.02 22.15
N HIS A 586 -13.00 -13.46 22.69
CA HIS A 586 -13.53 -13.02 23.98
C HIS A 586 -13.58 -14.22 24.92
N TYR A 587 -13.19 -14.01 26.20
CA TYR A 587 -13.21 -15.06 27.21
C TYR A 587 -14.25 -14.74 28.26
N GLU A 588 -15.21 -15.65 28.50
CA GLU A 588 -16.28 -15.41 29.46
C GLU A 588 -15.78 -15.66 30.90
N ASP A 589 -16.65 -15.37 31.89
CA ASP A 589 -16.40 -15.59 33.31
C ASP A 589 -15.13 -14.85 33.75
N ASP A 590 -14.20 -15.53 34.44
CA ASP A 590 -12.96 -14.91 34.90
C ASP A 590 -11.83 -14.93 33.84
N GLY A 591 -12.17 -15.27 32.59
CA GLY A 591 -11.21 -15.40 31.50
C GLY A 591 -10.26 -14.23 31.33
N TRP A 592 -10.78 -12.99 31.23
CA TRP A 592 -9.92 -11.83 31.08
C TRP A 592 -9.09 -11.52 32.33
N ASP A 593 -9.67 -11.69 33.55
CA ASP A 593 -8.91 -11.50 34.80
C ASP A 593 -7.75 -12.50 34.83
N SER A 594 -8.00 -13.76 34.40
CA SER A 594 -7.02 -14.84 34.35
C SER A 594 -5.86 -14.52 33.40
N LEU A 595 -6.18 -14.10 32.16
CA LEU A 595 -5.16 -13.76 31.17
C LEU A 595 -4.38 -12.52 31.56
N THR A 596 -5.04 -11.54 32.23
CA THR A 596 -4.38 -10.33 32.75
C THR A 596 -3.33 -10.80 33.80
N GLY A 597 -3.75 -11.73 34.68
CA GLY A 597 -2.87 -12.31 35.69
C GLY A 597 -1.67 -13.01 35.08
N LEU A 598 -1.88 -13.74 33.97
CA LEU A 598 -0.81 -14.44 33.25
C LEU A 598 0.23 -13.44 32.70
N LEU A 599 -0.24 -12.34 32.09
CA LEU A 599 0.62 -11.29 31.53
C LEU A 599 1.41 -10.57 32.64
N LYS A 600 0.81 -10.41 33.82
CA LYS A 600 1.45 -9.69 34.92
C LYS A 600 2.41 -10.53 35.75
N GLY A 601 2.23 -11.85 35.72
CA GLY A 601 3.06 -12.75 36.50
C GLY A 601 4.19 -13.41 35.76
N THR A 602 3.85 -13.99 34.59
CA THR A 602 4.75 -14.70 33.69
C THR A 602 4.37 -14.36 32.25
N HIS A 603 4.59 -13.09 31.82
CA HIS A 603 4.23 -12.68 30.46
C HIS A 603 4.95 -13.54 29.39
N THR A 604 6.12 -14.10 29.75
CA THR A 604 6.90 -15.00 28.91
C THR A 604 6.19 -16.39 28.73
N ALA A 605 5.10 -16.65 29.49
CA ALA A 605 4.30 -17.89 29.36
C ALA A 605 3.68 -18.02 27.96
N VAL A 606 3.48 -16.87 27.26
CA VAL A 606 3.03 -16.81 25.87
C VAL A 606 4.00 -15.92 25.09
N SER A 607 4.11 -16.15 23.78
CA SER A 607 5.01 -15.43 22.86
C SER A 607 4.73 -13.92 22.83
N SER A 608 5.70 -13.14 22.32
CA SER A 608 5.52 -11.67 22.15
C SER A 608 4.27 -11.35 21.32
N ASN A 609 4.02 -12.09 20.21
CA ASN A 609 2.85 -11.82 19.38
C ASN A 609 1.54 -12.22 20.04
N ASP A 610 1.56 -13.25 20.91
CA ASP A 610 0.38 -13.62 21.68
C ASP A 610 0.04 -12.50 22.69
N ARG A 611 1.09 -11.89 23.32
CA ARG A 611 0.88 -10.76 24.24
C ARG A 611 0.28 -9.57 23.45
N ALA A 612 0.83 -9.26 22.25
CA ALA A 612 0.28 -8.19 21.39
C ALA A 612 -1.18 -8.48 21.00
N SER A 613 -1.51 -9.75 20.69
CA SER A 613 -2.88 -10.11 20.31
C SER A 613 -3.84 -9.89 21.49
N LEU A 614 -3.39 -10.17 22.74
CA LEU A 614 -4.24 -9.93 23.92
C LEU A 614 -4.52 -8.45 24.15
N ILE A 615 -3.50 -7.60 24.01
CA ILE A 615 -3.63 -6.14 24.15
C ILE A 615 -4.65 -5.64 23.11
N ASN A 616 -4.45 -5.97 21.84
CA ASN A 616 -5.37 -5.54 20.79
C ASN A 616 -6.79 -6.02 21.04
N ASN A 617 -6.98 -7.32 21.29
CA ASN A 617 -8.34 -7.81 21.45
C ASN A 617 -9.07 -7.20 22.66
N ALA A 618 -8.36 -6.96 23.76
CA ALA A 618 -8.99 -6.37 24.95
C ALA A 618 -9.57 -4.99 24.60
N PHE A 619 -8.78 -4.14 23.91
CA PHE A 619 -9.31 -2.82 23.52
C PHE A 619 -10.40 -2.92 22.42
N GLN A 620 -10.29 -3.88 21.47
CA GLN A 620 -11.37 -4.09 20.50
C GLN A 620 -12.70 -4.48 21.19
N LEU A 621 -12.64 -5.26 22.29
CA LEU A 621 -13.82 -5.67 23.06
C LEU A 621 -14.47 -4.53 23.83
N VAL A 622 -13.68 -3.52 24.25
CA VAL A 622 -14.24 -2.32 24.89
C VAL A 622 -15.20 -1.65 23.90
N SER A 623 -14.81 -1.59 22.62
CA SER A 623 -15.57 -0.93 21.57
C SER A 623 -16.95 -1.53 21.29
N ILE A 624 -17.16 -2.82 21.61
CA ILE A 624 -18.46 -3.48 21.45
C ILE A 624 -19.12 -3.79 22.81
N GLY A 625 -18.56 -3.23 23.89
CA GLY A 625 -19.10 -3.37 25.23
C GLY A 625 -19.02 -4.75 25.86
N LYS A 626 -18.03 -5.56 25.43
CA LYS A 626 -17.79 -6.91 25.98
C LYS A 626 -16.78 -6.87 27.14
N LEU A 627 -16.00 -5.80 27.25
CA LEU A 627 -14.99 -5.62 28.30
C LEU A 627 -14.98 -4.14 28.69
N SER A 628 -14.84 -3.82 29.97
CA SER A 628 -14.84 -2.40 30.34
C SER A 628 -13.50 -1.75 29.99
N ILE A 629 -13.52 -0.42 29.73
CA ILE A 629 -12.29 0.32 29.49
C ILE A 629 -11.33 0.15 30.68
N GLU A 630 -11.87 0.07 31.92
CA GLU A 630 -11.03 -0.10 33.11
C GLU A 630 -10.26 -1.43 33.06
N LYS A 631 -10.94 -2.52 32.67
CA LYS A 631 -10.29 -3.85 32.57
C LYS A 631 -9.23 -3.91 31.47
N ALA A 632 -9.49 -3.25 30.31
CA ALA A 632 -8.49 -3.22 29.22
C ALA A 632 -7.28 -2.38 29.68
N LEU A 633 -7.53 -1.21 30.32
CA LEU A 633 -6.43 -0.39 30.84
C LEU A 633 -5.65 -1.13 31.95
N ASP A 634 -6.36 -1.90 32.81
CA ASP A 634 -5.71 -2.71 33.86
C ASP A 634 -4.78 -3.73 33.22
N LEU A 635 -5.22 -4.34 32.09
CA LEU A 635 -4.39 -5.29 31.35
C LEU A 635 -3.13 -4.58 30.82
N SER A 636 -3.28 -3.34 30.28
CA SER A 636 -2.17 -2.57 29.70
C SER A 636 -1.06 -2.26 30.71
N LEU A 637 -1.37 -2.27 32.02
CA LEU A 637 -0.37 -2.02 33.08
C LEU A 637 0.76 -3.05 33.07
N TYR A 638 0.52 -4.26 32.53
CA TYR A 638 1.58 -5.28 32.42
C TYR A 638 2.77 -4.73 31.58
N LEU A 639 2.51 -3.78 30.67
CA LEU A 639 3.52 -3.18 29.79
C LEU A 639 4.68 -2.50 30.53
N LYS A 640 4.54 -2.23 31.85
CA LYS A 640 5.65 -1.68 32.62
C LYS A 640 6.88 -2.62 32.61
N HIS A 641 6.66 -3.93 32.39
CA HIS A 641 7.73 -4.93 32.31
C HIS A 641 7.97 -5.49 30.91
N GLU A 642 7.29 -4.94 29.89
CA GLU A 642 7.45 -5.43 28.53
C GLU A 642 8.75 -4.92 27.90
N THR A 643 9.41 -5.78 27.14
CA THR A 643 10.69 -5.45 26.47
C THR A 643 10.61 -5.58 24.95
N GLU A 644 9.62 -6.35 24.44
CA GLU A 644 9.56 -6.68 23.01
C GLU A 644 8.82 -5.66 22.16
N ILE A 645 9.37 -5.40 20.94
CA ILE A 645 8.85 -4.39 20.01
C ILE A 645 7.34 -4.58 19.66
N MET A 646 6.88 -5.80 19.35
CA MET A 646 5.49 -5.96 18.90
C MET A 646 4.45 -5.63 20.01
N PRO A 647 4.52 -6.20 21.24
CA PRO A 647 3.53 -5.81 22.26
C PRO A 647 3.66 -4.34 22.68
N VAL A 648 4.90 -3.78 22.72
CA VAL A 648 5.08 -2.35 23.06
C VAL A 648 4.35 -1.50 22.00
N PHE A 649 4.62 -1.76 20.70
CA PHE A 649 3.98 -1.03 19.61
C PHE A 649 2.48 -1.24 19.58
N GLN A 650 2.01 -2.48 19.90
CA GLN A 650 0.56 -2.74 19.96
C GLN A 650 -0.09 -1.89 21.06
N GLY A 651 0.59 -1.78 22.20
CA GLY A 651 0.17 -0.92 23.31
C GLY A 651 0.02 0.52 22.85
N LEU A 652 1.04 1.05 22.16
CA LEU A 652 1.01 2.43 21.60
C LEU A 652 -0.13 2.56 20.58
N ASN A 653 -0.33 1.51 19.74
CA ASN A 653 -1.42 1.54 18.74
C ASN A 653 -2.80 1.61 19.37
N GLU A 654 -2.98 1.08 20.58
CA GLU A 654 -4.28 1.16 21.26
C GLU A 654 -4.41 2.43 22.09
N LEU A 655 -3.31 2.89 22.71
CA LEU A 655 -3.37 4.00 23.66
C LEU A 655 -3.25 5.39 23.04
N ILE A 656 -2.34 5.58 22.07
CA ILE A 656 -2.17 6.88 21.40
C ILE A 656 -3.49 7.39 20.81
N PRO A 657 -4.31 6.59 20.07
CA PRO A 657 -5.56 7.17 19.52
C PRO A 657 -6.47 7.82 20.54
N MET A 658 -6.42 7.33 21.81
CA MET A 658 -7.25 7.89 22.88
C MET A 658 -6.92 9.35 23.16
N TYR A 659 -5.63 9.67 23.32
CA TYR A 659 -5.27 11.07 23.57
C TYR A 659 -5.37 11.90 22.28
N LYS A 660 -5.26 11.27 21.07
CA LYS A 660 -5.42 12.02 19.81
C LYS A 660 -6.84 12.56 19.71
N LEU A 661 -7.82 11.80 20.27
CA LEU A 661 -9.21 12.29 20.33
C LEU A 661 -9.29 13.47 21.32
N MET A 662 -8.64 13.33 22.50
CA MET A 662 -8.67 14.35 23.55
C MET A 662 -8.04 15.69 23.11
N GLU A 663 -6.97 15.63 22.31
CA GLU A 663 -6.26 16.83 21.79
C GLU A 663 -7.18 17.78 21.01
N LYS A 664 -8.24 17.23 20.42
CA LYS A 664 -9.18 17.97 19.57
C LYS A 664 -10.44 18.42 20.33
N ARG A 665 -10.41 18.31 21.65
CA ARG A 665 -11.51 18.62 22.56
C ARG A 665 -11.03 19.49 23.73
N ASP A 666 -11.98 19.99 24.56
CA ASP A 666 -11.68 20.78 25.76
C ASP A 666 -11.39 19.78 26.89
N MET A 667 -10.24 19.07 26.80
CA MET A 667 -9.90 18.01 27.76
C MET A 667 -8.44 18.09 28.20
N ASN A 668 -7.92 19.31 28.33
CA ASN A 668 -6.51 19.51 28.65
C ASN A 668 -5.96 18.66 29.86
N GLU A 669 -6.70 18.65 30.97
CA GLU A 669 -6.34 17.99 32.23
C GLU A 669 -6.18 16.47 32.04
N VAL A 670 -7.23 15.79 31.51
CA VAL A 670 -7.24 14.35 31.23
C VAL A 670 -6.22 14.00 30.16
N GLU A 671 -6.05 14.87 29.14
CA GLU A 671 -5.06 14.63 28.08
C GLU A 671 -3.64 14.61 28.66
N THR A 672 -3.30 15.60 29.53
CA THR A 672 -1.99 15.70 30.18
C THR A 672 -1.75 14.51 31.10
N GLN A 673 -2.75 14.12 31.92
CA GLN A 673 -2.64 12.97 32.82
C GLN A 673 -2.54 11.66 32.03
N PHE A 674 -3.25 11.55 30.88
CA PHE A 674 -3.19 10.34 30.06
C PHE A 674 -1.77 10.19 29.45
N LYS A 675 -1.21 11.31 28.94
CA LYS A 675 0.15 11.32 28.37
C LYS A 675 1.18 10.98 29.45
N ALA A 676 1.00 11.52 30.68
CA ALA A 676 1.92 11.26 31.81
C ALA A 676 1.87 9.75 32.20
N PHE A 677 0.66 9.15 32.16
CA PHE A 677 0.44 7.72 32.43
C PHE A 677 1.23 6.87 31.41
N LEU A 678 1.13 7.22 30.11
CA LEU A 678 1.79 6.51 29.02
C LEU A 678 3.33 6.53 29.19
N ILE A 679 3.90 7.71 29.48
CA ILE A 679 5.33 7.84 29.73
C ILE A 679 5.76 7.05 30.98
N ARG A 680 4.99 7.15 32.08
CA ARG A 680 5.27 6.41 33.32
C ARG A 680 5.28 4.89 33.06
N LEU A 681 4.31 4.43 32.25
CA LEU A 681 4.17 3.02 31.88
C LEU A 681 5.42 2.48 31.15
N LEU A 682 5.98 3.27 30.23
CA LEU A 682 7.15 2.82 29.47
C LEU A 682 8.45 3.46 29.94
N ARG A 683 8.44 4.15 31.09
CA ARG A 683 9.59 4.91 31.60
C ARG A 683 10.88 4.10 31.75
N ASP A 684 10.80 2.89 32.34
CA ASP A 684 11.98 2.03 32.52
C ASP A 684 12.58 1.64 31.17
N LEU A 685 11.73 1.28 30.19
CA LEU A 685 12.17 0.95 28.83
C LEU A 685 12.79 2.16 28.12
N ILE A 686 12.16 3.34 28.25
CA ILE A 686 12.69 4.60 27.67
C ILE A 686 14.09 4.91 28.22
N ASP A 687 14.20 4.88 29.56
CA ASP A 687 15.44 5.14 30.31
C ASP A 687 16.58 4.20 29.96
N LYS A 688 16.26 2.98 29.49
CA LYS A 688 17.27 1.97 29.13
C LYS A 688 17.83 2.19 27.73
N GLN A 689 17.17 3.02 26.91
CA GLN A 689 17.60 3.26 25.53
C GLN A 689 18.92 4.01 25.44
N THR A 690 19.84 3.50 24.60
CA THR A 690 21.11 4.16 24.33
C THR A 690 20.86 5.12 23.17
N TRP A 691 21.60 6.23 23.09
CA TRP A 691 21.43 7.21 22.02
C TRP A 691 22.46 6.90 20.93
N THR A 692 22.29 5.71 20.30
CA THR A 692 23.19 5.14 19.29
C THR A 692 22.42 4.41 18.17
N ASP A 693 23.17 3.78 17.25
CA ASP A 693 22.58 2.97 16.19
C ASP A 693 22.87 1.48 16.41
N GLU A 694 23.13 1.10 17.67
CA GLU A 694 23.47 -0.26 18.05
C GLU A 694 22.29 -1.23 18.04
N GLY A 695 22.62 -2.51 17.88
CA GLY A 695 21.66 -3.60 17.95
C GLY A 695 20.99 -4.06 16.66
N SER A 696 20.03 -4.97 16.82
CA SER A 696 19.25 -5.54 15.72
C SER A 696 18.30 -4.51 15.13
N VAL A 697 17.70 -4.83 13.98
CA VAL A 697 16.72 -3.97 13.30
C VAL A 697 15.56 -3.67 14.27
N SER A 698 15.10 -4.69 15.03
CA SER A 698 14.00 -4.49 15.98
C SER A 698 14.42 -3.58 17.13
N GLU A 699 15.67 -3.73 17.62
CA GLU A 699 16.19 -2.89 18.72
C GLU A 699 16.27 -1.42 18.27
N ARG A 700 16.72 -1.20 17.03
CA ARG A 700 16.86 0.14 16.43
C ARG A 700 15.50 0.82 16.25
N MET A 701 14.50 0.08 15.73
CA MET A 701 13.15 0.66 15.51
C MET A 701 12.48 0.97 16.83
N LEU A 702 12.62 0.07 17.84
CA LEU A 702 12.09 0.28 19.18
C LEU A 702 12.69 1.55 19.80
N ARG A 703 14.04 1.67 19.75
CA ARG A 703 14.76 2.84 20.28
C ARG A 703 14.22 4.13 19.64
N SER A 704 14.18 4.18 18.30
CA SER A 704 13.79 5.40 17.58
C SER A 704 12.40 5.89 18.00
N GLN A 705 11.43 4.97 18.08
CA GLN A 705 10.05 5.31 18.43
C GLN A 705 9.89 5.66 19.91
N LEU A 706 10.65 5.00 20.80
CA LEU A 706 10.58 5.34 22.23
C LEU A 706 11.12 6.74 22.50
N LEU A 707 12.25 7.10 21.88
CA LEU A 707 12.86 8.43 22.07
C LEU A 707 11.97 9.53 21.48
N LEU A 708 11.35 9.25 20.32
CA LEU A 708 10.43 10.20 19.71
C LEU A 708 9.19 10.42 20.62
N LEU A 709 8.59 9.32 21.14
CA LEU A 709 7.42 9.39 22.02
C LEU A 709 7.74 10.20 23.28
N ALA A 710 8.90 9.90 23.92
CA ALA A 710 9.34 10.60 25.13
C ALA A 710 9.53 12.10 24.86
N CYS A 711 10.16 12.45 23.72
CA CYS A 711 10.42 13.85 23.37
C CYS A 711 9.15 14.62 23.02
N VAL A 712 8.22 13.99 22.26
CA VAL A 712 6.95 14.59 21.88
C VAL A 712 6.10 14.93 23.15
N HIS A 713 6.18 14.07 24.20
CA HIS A 713 5.40 14.25 25.43
C HIS A 713 6.18 14.95 26.55
N ASN A 714 7.24 15.67 26.15
CA ASN A 714 8.05 16.50 27.03
C ASN A 714 8.66 15.75 28.24
N TYR A 715 9.11 14.48 28.02
CA TYR A 715 9.82 13.75 29.08
C TYR A 715 11.19 14.44 29.19
N GLN A 716 11.39 15.22 30.28
CA GLN A 716 12.57 16.07 30.46
C GLN A 716 13.93 15.37 30.22
N PRO A 717 14.29 14.18 30.76
CA PRO A 717 15.61 13.60 30.43
C PRO A 717 15.85 13.44 28.93
N CYS A 718 14.79 13.08 28.16
CA CYS A 718 14.95 12.90 26.73
C CYS A 718 14.95 14.24 25.98
N VAL A 719 14.10 15.20 26.39
CA VAL A 719 14.08 16.56 25.78
C VAL A 719 15.45 17.27 25.94
N GLN A 720 16.01 17.29 27.18
CA GLN A 720 17.31 17.93 27.46
C GLN A 720 18.41 17.30 26.59
N ARG A 721 18.43 15.95 26.50
CA ARG A 721 19.41 15.25 25.66
C ARG A 721 19.22 15.61 24.18
N ALA A 722 17.95 15.62 23.70
CA ALA A 722 17.67 15.95 22.30
C ALA A 722 18.09 17.39 21.95
N GLU A 723 17.84 18.34 22.87
CA GLU A 723 18.21 19.77 22.74
C GLU A 723 19.73 19.91 22.60
N GLY A 724 20.47 19.08 23.35
CA GLY A 724 21.92 19.06 23.35
C GLY A 724 22.47 18.62 22.00
N TYR A 725 21.95 17.47 21.49
CA TYR A 725 22.36 16.95 20.18
C TYR A 725 22.02 17.97 19.09
N PHE A 726 20.80 18.54 19.13
CA PHE A 726 20.37 19.52 18.12
C PHE A 726 21.27 20.76 18.10
N ARG A 727 21.54 21.35 19.26
CA ARG A 727 22.40 22.54 19.43
C ARG A 727 23.80 22.27 18.85
N LYS A 728 24.41 21.13 19.23
CA LYS A 728 25.72 20.70 18.75
C LYS A 728 25.72 20.46 17.23
N TRP A 729 24.68 19.78 16.70
CA TRP A 729 24.52 19.52 15.27
C TRP A 729 24.41 20.85 14.50
N LYS A 730 23.54 21.77 14.98
CA LYS A 730 23.35 23.09 14.37
C LYS A 730 24.62 23.97 14.39
N GLU A 731 25.35 23.99 15.53
CA GLU A 731 26.59 24.79 15.65
C GLU A 731 27.71 24.31 14.72
N SER A 732 27.68 23.01 14.34
CA SER A 732 28.63 22.43 13.39
C SER A 732 28.16 22.63 11.95
N ASN A 733 27.08 23.43 11.74
CA ASN A 733 26.45 23.67 10.43
C ASN A 733 25.96 22.36 9.79
N GLY A 734 25.49 21.44 10.65
CA GLY A 734 24.97 20.13 10.25
C GLY A 734 26.00 19.18 9.69
N GLN A 735 27.29 19.42 10.01
CA GLN A 735 28.39 18.58 9.53
C GLN A 735 28.62 17.40 10.45
N LEU A 736 28.38 17.58 11.75
CA LEU A 736 28.49 16.55 12.78
C LEU A 736 27.44 15.46 12.48
N SER A 737 27.80 14.19 12.67
CA SER A 737 26.89 13.10 12.41
C SER A 737 26.10 12.75 13.67
N LEU A 738 24.78 12.65 13.52
CA LEU A 738 23.87 12.27 14.60
C LEU A 738 23.53 10.81 14.39
N PRO A 739 23.39 9.99 15.46
CA PRO A 739 22.91 8.61 15.24
C PRO A 739 21.56 8.68 14.52
N VAL A 740 21.39 7.88 13.44
CA VAL A 740 20.15 7.89 12.66
C VAL A 740 18.91 7.61 13.55
N ASP A 741 19.08 6.70 14.53
CA ASP A 741 18.01 6.27 15.44
C ASP A 741 17.49 7.37 16.37
N VAL A 742 18.31 8.40 16.64
CA VAL A 742 17.87 9.50 17.52
C VAL A 742 17.43 10.75 16.75
N THR A 743 17.69 10.76 15.43
CA THR A 743 17.47 11.89 14.53
C THR A 743 16.02 12.37 14.53
N LEU A 744 15.03 11.45 14.48
CA LEU A 744 13.61 11.85 14.51
C LEU A 744 13.32 12.69 15.77
N ALA A 745 13.70 12.16 16.96
CA ALA A 745 13.51 12.84 18.25
C ALA A 745 14.26 14.17 18.29
N VAL A 746 15.53 14.17 17.88
CA VAL A 746 16.39 15.38 17.89
C VAL A 746 15.81 16.48 16.99
N PHE A 747 15.42 16.12 15.74
CA PHE A 747 14.83 17.07 14.81
C PHE A 747 13.47 17.57 15.27
N ALA A 748 12.62 16.68 15.85
CA ALA A 748 11.29 17.10 16.35
C ALA A 748 11.45 18.15 17.43
N VAL A 749 12.46 17.98 18.29
CA VAL A 749 12.71 18.96 19.36
C VAL A 749 13.28 20.27 18.78
N GLY A 750 14.26 20.15 17.89
CA GLY A 750 14.91 21.31 17.26
C GLY A 750 14.00 22.23 16.48
N ALA A 751 12.97 21.65 15.84
CA ALA A 751 12.01 22.40 15.04
C ALA A 751 11.01 23.22 15.88
N GLN A 752 11.07 23.15 17.24
CA GLN A 752 10.17 23.91 18.13
C GLN A 752 10.57 25.40 18.26
N SER A 753 11.74 25.79 17.73
CA SER A 753 12.19 27.18 17.68
C SER A 753 12.24 27.64 16.21
N THR A 754 12.06 28.95 15.97
CA THR A 754 12.10 29.51 14.60
C THR A 754 13.46 29.24 13.95
N GLU A 755 14.57 29.48 14.68
CA GLU A 755 15.95 29.27 14.20
C GLU A 755 16.20 27.81 13.83
N GLY A 756 15.71 26.91 14.68
CA GLY A 756 15.84 25.46 14.50
C GLY A 756 15.07 24.97 13.30
N TRP A 757 13.82 25.44 13.15
CA TRP A 757 12.92 25.10 12.02
C TRP A 757 13.55 25.57 10.69
N ASP A 758 13.98 26.86 10.67
CA ASP A 758 14.65 27.45 9.52
C ASP A 758 15.93 26.70 9.16
N PHE A 759 16.73 26.32 10.17
CA PHE A 759 17.97 25.56 9.94
C PHE A 759 17.67 24.21 9.30
N LEU A 760 16.70 23.47 9.84
CA LEU A 760 16.27 22.17 9.31
C LEU A 760 15.81 22.32 7.87
N TYR A 761 15.00 23.34 7.61
CA TYR A 761 14.50 23.58 6.27
C TYR A 761 15.65 23.88 5.29
N SER A 762 16.68 24.64 5.73
CA SER A 762 17.82 24.94 4.86
C SER A 762 18.61 23.67 4.46
N LYS A 763 18.71 22.67 5.37
CA LYS A 763 19.41 21.41 5.07
C LYS A 763 18.59 20.50 4.14
N TYR A 764 17.26 20.63 4.20
CA TYR A 764 16.32 19.84 3.39
C TYR A 764 16.57 20.03 1.89
N GLN A 765 16.74 21.28 1.45
CA GLN A 765 16.96 21.67 0.04
C GLN A 765 18.16 20.96 -0.62
N PHE A 766 19.19 20.59 0.17
CA PHE A 766 20.40 19.98 -0.35
C PHE A 766 20.52 18.46 -0.12
N SER A 767 19.64 17.89 0.71
CA SER A 767 19.73 16.46 1.04
C SER A 767 19.47 15.54 -0.15
N LEU A 768 20.25 14.47 -0.27
CA LEU A 768 20.04 13.44 -1.30
C LEU A 768 19.50 12.20 -0.58
N SER A 769 19.35 12.26 0.76
CA SER A 769 18.88 11.12 1.53
C SER A 769 17.34 11.10 1.71
N SER A 770 16.66 10.02 1.28
CA SER A 770 15.19 9.92 1.46
C SER A 770 14.80 9.88 2.94
N THR A 771 15.58 9.16 3.78
CA THR A 771 15.31 9.09 5.22
C THR A 771 15.45 10.48 5.84
N GLU A 772 16.53 11.18 5.51
CA GLU A 772 16.74 12.52 6.09
C GLU A 772 15.63 13.49 5.71
N LYS A 773 15.19 13.45 4.44
CA LYS A 773 14.11 14.32 3.96
C LYS A 773 12.81 14.02 4.69
N SER A 774 12.50 12.70 4.88
CA SER A 774 11.28 12.25 5.58
CA SER A 774 11.30 12.25 5.58
C SER A 774 11.36 12.69 7.06
N GLN A 775 12.56 12.56 7.68
CA GLN A 775 12.74 12.96 9.09
C GLN A 775 12.57 14.48 9.27
N ILE A 776 13.10 15.28 8.31
CA ILE A 776 12.97 16.75 8.34
C ILE A 776 11.48 17.14 8.13
N GLU A 777 10.81 16.52 7.13
CA GLU A 777 9.39 16.80 6.87
C GLU A 777 8.56 16.54 8.13
N PHE A 778 8.79 15.39 8.79
CA PHE A 778 8.07 15.06 10.03
C PHE A 778 8.29 16.15 11.08
N ALA A 779 9.58 16.49 11.33
CA ALA A 779 9.96 17.48 12.35
C ALA A 779 9.33 18.84 12.06
N LEU A 780 9.39 19.29 10.79
CA LEU A 780 8.83 20.58 10.38
C LEU A 780 7.30 20.64 10.59
N CYS A 781 6.61 19.51 10.37
CA CYS A 781 5.15 19.38 10.52
C CYS A 781 4.73 19.38 11.99
N ARG A 782 5.69 19.20 12.91
CA ARG A 782 5.39 19.17 14.35
C ARG A 782 5.49 20.57 14.99
N THR A 783 5.84 21.62 14.21
CA THR A 783 5.84 22.99 14.69
C THR A 783 4.44 23.40 15.11
N GLN A 784 4.36 24.29 16.10
CA GLN A 784 3.07 24.78 16.56
C GLN A 784 2.86 26.23 16.11
N ASN A 785 3.66 26.64 15.10
CA ASN A 785 3.58 27.93 14.44
C ASN A 785 2.70 27.68 13.20
N LYS A 786 1.44 28.19 13.21
CA LYS A 786 0.46 27.98 12.12
C LYS A 786 0.87 28.57 10.78
N GLU A 787 1.63 29.70 10.77
CA GLU A 787 2.12 30.30 9.52
C GLU A 787 3.11 29.34 8.83
N LYS A 788 3.94 28.64 9.62
CA LYS A 788 4.88 27.65 9.05
C LYS A 788 4.11 26.40 8.58
N LEU A 789 3.06 25.98 9.32
CA LEU A 789 2.24 24.82 8.93
C LEU A 789 1.52 25.11 7.61
N GLN A 790 0.96 26.32 7.47
CA GLN A 790 0.30 26.78 6.25
C GLN A 790 1.30 26.79 5.09
N TRP A 791 2.52 27.30 5.33
CA TRP A 791 3.59 27.35 4.34
C TRP A 791 3.89 25.94 3.83
N LEU A 792 4.02 24.95 4.73
CA LEU A 792 4.29 23.55 4.34
C LEU A 792 3.19 22.99 3.43
N LEU A 793 1.93 23.26 3.74
CA LEU A 793 0.78 22.83 2.94
C LEU A 793 0.83 23.50 1.57
N ASP A 794 1.06 24.83 1.56
CA ASP A 794 1.14 25.59 0.32
C ASP A 794 2.27 25.14 -0.59
N GLU A 795 3.45 24.93 0.00
CA GLU A 795 4.64 24.55 -0.76
C GLU A 795 4.57 23.16 -1.36
N SER A 796 4.17 22.16 -0.57
CA SER A 796 4.05 20.80 -1.07
C SER A 796 2.89 20.68 -2.09
N PHE A 797 1.80 21.44 -1.90
CA PHE A 797 0.67 21.43 -2.84
C PHE A 797 1.15 21.96 -4.22
N LYS A 798 1.93 23.04 -4.19
CA LYS A 798 2.51 23.67 -5.39
C LYS A 798 3.61 22.78 -6.04
N GLY A 799 4.33 22.01 -5.22
CA GLY A 799 5.40 21.12 -5.67
C GLY A 799 6.73 21.79 -5.94
N ASP A 800 6.89 23.03 -5.44
CA ASP A 800 8.08 23.87 -5.62
C ASP A 800 9.25 23.45 -4.72
N LYS A 801 9.21 23.89 -3.46
CA LYS A 801 10.24 23.63 -2.45
C LYS A 801 10.13 22.22 -1.86
N ILE A 802 8.94 21.64 -1.92
CA ILE A 802 8.69 20.28 -1.42
C ILE A 802 7.82 19.67 -2.51
N LYS A 803 8.19 18.45 -2.95
CA LYS A 803 7.44 17.78 -4.01
C LYS A 803 6.02 17.44 -3.55
N THR A 804 5.07 17.50 -4.51
CA THR A 804 3.67 17.16 -4.31
C THR A 804 3.51 15.68 -3.91
N GLN A 805 4.48 14.78 -4.26
CA GLN A 805 4.34 13.38 -3.82
C GLN A 805 4.34 13.27 -2.26
N GLU A 806 4.86 14.29 -1.58
CA GLU A 806 4.92 14.36 -0.11
C GLU A 806 3.66 14.98 0.49
N PHE A 807 2.83 15.63 -0.35
CA PHE A 807 1.65 16.36 0.14
C PHE A 807 0.72 15.48 1.00
N PRO A 808 0.32 14.24 0.59
CA PRO A 808 -0.62 13.47 1.42
C PRO A 808 -0.09 13.19 2.83
N GLN A 809 1.20 12.86 2.96
CA GLN A 809 1.79 12.63 4.28
C GLN A 809 1.87 13.94 5.08
N ILE A 810 2.25 15.04 4.45
CA ILE A 810 2.33 16.34 5.11
C ILE A 810 0.95 16.76 5.63
N LEU A 811 -0.07 16.61 4.80
CA LEU A 811 -1.45 16.91 5.19
C LEU A 811 -1.88 16.09 6.43
N THR A 812 -1.59 14.77 6.42
CA THR A 812 -1.91 13.89 7.55
C THR A 812 -1.15 14.29 8.80
N LEU A 813 0.17 14.54 8.68
CA LEU A 813 1.00 14.97 9.84
C LEU A 813 0.45 16.24 10.48
N ILE A 814 0.04 17.20 9.65
CA ILE A 814 -0.55 18.44 10.16
C ILE A 814 -1.97 18.18 10.72
N GLY A 815 -2.69 17.24 10.11
CA GLY A 815 -4.00 16.81 10.59
C GLY A 815 -3.88 16.21 11.98
N ARG A 816 -2.70 15.65 12.29
CA ARG A 816 -2.44 15.05 13.59
C ARG A 816 -1.78 16.03 14.57
N ASN A 817 -1.32 17.19 14.09
CA ASN A 817 -0.66 18.18 14.92
C ASN A 817 -1.69 18.76 15.95
N PRO A 818 -1.34 18.80 17.26
CA PRO A 818 -2.31 19.32 18.26
C PRO A 818 -2.81 20.74 18.04
N VAL A 819 -2.05 21.59 17.29
CA VAL A 819 -2.55 22.96 17.03
C VAL A 819 -2.91 23.15 15.55
N GLY A 820 -2.32 22.35 14.67
CA GLY A 820 -2.52 22.47 13.24
C GLY A 820 -3.68 21.73 12.63
N TYR A 821 -4.34 20.83 13.39
CA TYR A 821 -5.43 20.02 12.84
C TYR A 821 -6.55 20.87 12.15
N PRO A 822 -6.98 22.06 12.63
CA PRO A 822 -8.03 22.81 11.88
C PRO A 822 -7.56 23.25 10.49
N LEU A 823 -6.26 23.61 10.37
CA LEU A 823 -5.65 24.06 9.11
C LEU A 823 -5.69 22.96 8.05
N ALA A 824 -5.43 21.70 8.44
CA ALA A 824 -5.39 20.59 7.47
C ALA A 824 -6.79 20.29 6.91
N TRP A 825 -7.79 20.18 7.78
CA TRP A 825 -9.19 19.97 7.38
C TRP A 825 -9.67 21.12 6.48
N GLN A 826 -9.40 22.38 6.87
CA GLN A 826 -9.74 23.57 6.06
C GLN A 826 -9.04 23.51 4.70
N PHE A 827 -7.74 23.13 4.69
CA PHE A 827 -6.97 23.06 3.44
C PHE A 827 -7.56 22.04 2.49
N LEU A 828 -7.93 20.86 3.01
CA LEU A 828 -8.54 19.81 2.18
C LEU A 828 -9.85 20.31 1.54
N ARG A 829 -10.72 20.95 2.33
CA ARG A 829 -12.00 21.46 1.82
C ARG A 829 -11.78 22.51 0.72
N LYS A 830 -10.93 23.51 0.98
CA LYS A 830 -10.69 24.62 0.04
C LYS A 830 -10.04 24.18 -1.28
N ASN A 831 -9.10 23.23 -1.22
CA ASN A 831 -8.31 22.81 -2.38
C ASN A 831 -8.72 21.45 -2.95
N TRP A 832 -9.89 20.94 -2.54
CA TRP A 832 -10.42 19.63 -2.94
C TRP A 832 -10.33 19.36 -4.45
N ASN A 833 -10.88 20.24 -5.29
CA ASN A 833 -10.87 20.00 -6.74
C ASN A 833 -9.49 19.77 -7.31
N LYS A 834 -8.52 20.63 -6.98
CA LYS A 834 -7.15 20.49 -7.46
C LYS A 834 -6.48 19.21 -6.92
N LEU A 835 -6.81 18.82 -5.65
CA LEU A 835 -6.25 17.59 -5.07
C LEU A 835 -6.77 16.34 -5.77
N VAL A 836 -8.06 16.36 -6.10
CA VAL A 836 -8.71 15.27 -6.85
C VAL A 836 -8.12 15.16 -8.26
N GLN A 837 -7.94 16.29 -8.95
CA GLN A 837 -7.33 16.30 -10.29
C GLN A 837 -5.92 15.72 -10.24
N LYS A 838 -5.16 16.05 -9.20
CA LYS A 838 -3.79 15.56 -9.08
C LYS A 838 -3.69 14.07 -8.73
N PHE A 839 -4.49 13.62 -7.75
CA PHE A 839 -4.37 12.29 -7.17
C PHE A 839 -5.40 11.26 -7.58
N GLU A 840 -6.57 11.70 -8.06
CA GLU A 840 -7.73 10.93 -8.56
C GLU A 840 -8.70 10.49 -7.51
N LEU A 841 -10.00 10.59 -7.83
CA LEU A 841 -11.05 10.10 -6.95
C LEU A 841 -10.88 8.58 -6.80
N GLY A 842 -10.97 8.09 -5.58
CA GLY A 842 -10.84 6.66 -5.32
C GLY A 842 -9.43 6.19 -5.01
N SER A 843 -8.39 7.04 -5.31
CA SER A 843 -6.99 6.70 -5.02
C SER A 843 -6.79 6.50 -3.51
N SER A 844 -5.79 5.70 -3.17
CA SER A 844 -5.44 5.51 -1.77
C SER A 844 -4.96 6.85 -1.18
N SER A 845 -4.32 7.72 -2.01
CA SER A 845 -3.83 9.03 -1.57
C SER A 845 -5.00 9.91 -1.06
N ILE A 846 -6.08 9.98 -1.84
CA ILE A 846 -7.26 10.77 -1.42
C ILE A 846 -7.86 10.15 -0.14
N ALA A 847 -7.98 8.81 -0.10
CA ALA A 847 -8.52 8.13 1.09
C ALA A 847 -7.73 8.52 2.35
N HIS A 848 -6.37 8.49 2.28
CA HIS A 848 -5.49 8.86 3.37
C HIS A 848 -5.65 10.34 3.72
N MET A 849 -5.86 11.21 2.72
CA MET A 849 -6.06 12.63 2.99
C MET A 849 -7.40 12.84 3.71
N VAL A 850 -8.45 12.11 3.30
CA VAL A 850 -9.77 12.20 3.94
C VAL A 850 -9.68 11.73 5.41
N MET A 851 -9.16 10.51 5.63
CA MET A 851 -9.07 9.96 6.98
C MET A 851 -8.10 10.75 7.85
N GLY A 852 -6.97 11.15 7.27
CA GLY A 852 -5.92 11.90 7.97
C GLY A 852 -6.33 13.25 8.52
N THR A 853 -7.34 13.88 7.92
CA THR A 853 -7.79 15.20 8.41
C THR A 853 -9.06 15.13 9.25
N THR A 854 -9.78 13.97 9.28
CA THR A 854 -11.08 13.95 9.96
C THR A 854 -11.36 12.81 10.94
N ASN A 855 -10.64 11.66 10.83
CA ASN A 855 -11.01 10.47 11.59
C ASN A 855 -10.63 10.52 13.10
N GLN A 856 -10.10 11.66 13.58
CA GLN A 856 -9.82 11.86 15.00
C GLN A 856 -10.81 12.87 15.64
N PHE A 857 -11.82 13.28 14.87
CA PHE A 857 -12.88 14.13 15.40
C PHE A 857 -13.84 13.27 16.22
N SER A 858 -14.47 13.86 17.27
CA SER A 858 -15.34 13.10 18.16
C SER A 858 -16.52 13.89 18.71
N THR A 859 -17.03 14.87 17.94
CA THR A 859 -18.21 15.65 18.34
C THR A 859 -19.23 15.63 17.21
N ARG A 860 -20.49 15.81 17.57
CA ARG A 860 -21.61 15.90 16.62
C ARG A 860 -21.39 17.09 15.68
N THR A 861 -20.80 18.21 16.17
CA THR A 861 -20.51 19.38 15.32
C THR A 861 -19.49 18.99 14.22
N ARG A 862 -18.40 18.31 14.60
CA ARG A 862 -17.41 17.88 13.61
C ARG A 862 -18.02 16.88 12.61
N LEU A 863 -18.85 15.95 13.10
CA LEU A 863 -19.53 14.96 12.26
C LEU A 863 -20.36 15.66 11.16
N GLU A 864 -21.14 16.70 11.53
CA GLU A 864 -21.93 17.43 10.53
C GLU A 864 -21.01 18.17 9.54
N GLU A 865 -19.87 18.74 10.01
CA GLU A 865 -18.93 19.42 9.07
C GLU A 865 -18.50 18.42 7.97
N VAL A 866 -18.15 17.19 8.37
CA VAL A 866 -17.70 16.14 7.45
C VAL A 866 -18.84 15.69 6.50
N LYS A 867 -20.00 15.31 7.06
CA LYS A 867 -21.18 14.90 6.28
C LYS A 867 -21.56 16.04 5.29
N GLY A 868 -21.67 17.27 5.80
CA GLY A 868 -22.05 18.43 5.01
C GLY A 868 -21.09 18.71 3.87
N PHE A 869 -19.77 18.70 4.16
CA PHE A 869 -18.77 18.95 3.13
C PHE A 869 -18.84 17.90 2.03
N PHE A 870 -18.67 16.63 2.39
CA PHE A 870 -18.60 15.59 1.36
C PHE A 870 -19.92 15.43 0.61
N SER A 871 -21.09 15.62 1.27
CA SER A 871 -22.36 15.52 0.53
C SER A 871 -22.50 16.61 -0.53
N SER A 872 -21.90 17.81 -0.30
CA SER A 872 -21.95 18.93 -1.25
C SER A 872 -21.19 18.67 -2.58
N LEU A 873 -20.25 17.73 -2.58
CA LEU A 873 -19.40 17.39 -3.74
C LEU A 873 -20.13 16.67 -4.86
N LYS A 874 -21.32 16.08 -4.58
CA LYS A 874 -22.11 15.33 -5.54
C LYS A 874 -21.25 14.26 -6.25
N GLU A 875 -21.14 14.26 -7.58
CA GLU A 875 -20.35 13.27 -8.33
C GLU A 875 -18.84 13.39 -8.11
N ASN A 876 -18.36 14.50 -7.53
CA ASN A 876 -16.93 14.68 -7.35
C ASN A 876 -16.43 14.27 -5.94
N GLY A 877 -17.03 13.22 -5.37
CA GLY A 877 -16.57 12.70 -4.09
C GLY A 877 -17.57 12.32 -3.02
N SER A 878 -18.86 12.69 -3.16
CA SER A 878 -19.85 12.35 -2.14
C SER A 878 -20.02 10.83 -1.91
N GLN A 879 -19.73 10.02 -2.93
CA GLN A 879 -19.89 8.56 -2.84
C GLN A 879 -18.58 7.80 -2.53
N LEU A 880 -17.49 8.50 -2.15
CA LEU A 880 -16.22 7.81 -1.85
C LEU A 880 -16.37 6.87 -0.66
N ARG A 881 -15.80 5.65 -0.76
CA ARG A 881 -15.88 4.73 0.37
C ARG A 881 -15.15 5.30 1.59
N CYS A 882 -14.01 6.00 1.37
CA CYS A 882 -13.24 6.60 2.47
C CYS A 882 -14.07 7.61 3.28
N VAL A 883 -15.02 8.30 2.61
CA VAL A 883 -15.91 9.28 3.25
C VAL A 883 -16.87 8.53 4.18
N GLN A 884 -17.47 7.44 3.69
CA GLN A 884 -18.36 6.65 4.53
C GLN A 884 -17.61 6.05 5.72
N GLN A 885 -16.37 5.61 5.50
CA GLN A 885 -15.51 5.05 6.52
C GLN A 885 -15.16 6.09 7.58
N THR A 886 -14.79 7.33 7.16
CA THR A 886 -14.45 8.36 8.16
C THR A 886 -15.68 8.80 8.95
N ILE A 887 -16.87 8.87 8.30
CA ILE A 887 -18.11 9.26 9.00
C ILE A 887 -18.43 8.22 10.08
N GLU A 888 -18.33 6.94 9.70
CA GLU A 888 -18.55 5.85 10.64
C GLU A 888 -17.52 5.86 11.78
N THR A 889 -16.26 6.19 11.48
CA THR A 889 -15.21 6.31 12.50
C THR A 889 -15.54 7.44 13.49
N ILE A 890 -15.97 8.62 12.96
CA ILE A 890 -16.34 9.73 13.85
C ILE A 890 -17.53 9.35 14.72
N GLU A 891 -18.56 8.67 14.14
CA GLU A 891 -19.71 8.21 14.92
C GLU A 891 -19.29 7.30 16.07
N GLU A 892 -18.33 6.39 15.80
CA GLU A 892 -17.79 5.49 16.80
C GLU A 892 -17.00 6.30 17.84
N ASN A 893 -16.21 7.32 17.40
CA ASN A 893 -15.44 8.18 18.32
C ASN A 893 -16.38 8.92 19.26
N ILE A 894 -17.51 9.45 18.75
CA ILE A 894 -18.50 10.16 19.58
C ILE A 894 -19.03 9.23 20.70
N GLY A 895 -19.49 8.04 20.32
CA GLY A 895 -20.03 7.06 21.25
C GLY A 895 -19.00 6.58 22.26
N TRP A 896 -17.78 6.30 21.78
CA TRP A 896 -16.67 5.83 22.62
C TRP A 896 -16.29 6.88 23.65
N MET A 897 -16.11 8.14 23.21
CA MET A 897 -15.79 9.21 24.15
C MET A 897 -16.93 9.48 25.15
N ASP A 898 -18.19 9.55 24.66
CA ASP A 898 -19.32 9.78 25.59
C ASP A 898 -19.39 8.71 26.67
N LYS A 899 -19.15 7.43 26.28
CA LYS A 899 -19.18 6.33 27.24
C LYS A 899 -17.95 6.28 28.17
N ASN A 900 -16.74 6.46 27.61
CA ASN A 900 -15.51 6.20 28.36
C ASN A 900 -14.71 7.39 28.88
N PHE A 901 -14.96 8.62 28.43
CA PHE A 901 -14.13 9.73 28.89
C PHE A 901 -14.07 9.84 30.41
N ASP A 902 -15.22 9.91 31.06
CA ASP A 902 -15.26 10.01 32.51
C ASP A 902 -14.71 8.78 33.20
N LYS A 903 -14.87 7.58 32.60
CA LYS A 903 -14.32 6.35 33.15
C LYS A 903 -12.79 6.43 33.14
N ILE A 904 -12.20 6.94 32.04
CA ILE A 904 -10.74 7.10 31.93
C ILE A 904 -10.25 8.15 32.96
N ARG A 905 -11.00 9.25 33.08
CA ARG A 905 -10.67 10.33 34.03
C ARG A 905 -10.56 9.77 35.46
N VAL A 906 -11.54 8.95 35.88
CA VAL A 906 -11.58 8.33 37.20
C VAL A 906 -10.43 7.32 37.37
N TRP A 907 -10.23 6.45 36.35
CA TRP A 907 -9.19 5.42 36.34
C TRP A 907 -7.80 6.05 36.52
N LEU A 908 -7.54 7.20 35.84
CA LEU A 908 -6.25 7.90 35.92
C LEU A 908 -5.97 8.46 37.32
N GLN A 909 -7.02 8.91 38.02
CA GLN A 909 -6.91 9.45 39.38
C GLN A 909 -6.60 8.35 40.40
N SER A 910 -7.09 7.12 40.14
CA SER A 910 -6.88 5.94 40.98
C SER A 910 -5.55 5.28 40.66
#